data_6CGI
#
_entry.id   6CGI
#
_cell.length_a   74.540
_cell.length_b   96.170
_cell.length_c   90.710
_cell.angle_alpha   90.00
_cell.angle_beta   93.28
_cell.angle_gamma   90.00
#
_symmetry.space_group_name_H-M   'P 1 21 1'
#
loop_
_entity.id
_entity.type
_entity.pdbx_description
1 polymer 'Type III secretion system effector protein'
2 non-polymer "URIDINE-5'-DIPHOSPHATE"
3 water water
#
_entity_poly.entity_id   1
_entity_poly.type   'polypeptide(L)'
_entity_poly.pdbx_seq_one_letter_code
;SNAPSSGSANFAGVEYPLLPLDQHTPLLFQWFERNPSRFGENQIPIINTQQNPYLNNIINAAIIEKERTIGVLVDGNFSA
GQKKALAKLEKQYENIKVIYNSDLDYSMYDKKLSDIYLENIAKIEAQPANVRDEYLLGEIKKSLNEVLKNNPEESLVSSH
DKRLGHVRFDFYRNLFLLKGSNAFLEAGKHGCHHLQPGGGCIYLDADMLLTGKLGTLYLPDGIAVHVSRKGNSMSLENGI
IAVNRSEHPALKKGLEIMHSKPYGDPYIDGVCGGLRHYFNCSIRHNYEEFCNFIEFKHEHIFMDTSSLTISSWR
;
_entity_poly.pdbx_strand_id   A,B,C,D
#
# COMPACT_ATOMS: atom_id res chain seq x y z
N SER A 6 23.67 6.68 -54.38
CA SER A 6 24.96 6.04 -54.15
C SER A 6 24.91 4.55 -54.50
N GLY A 7 25.43 3.72 -53.59
CA GLY A 7 25.54 2.29 -53.82
C GLY A 7 24.26 1.51 -53.62
N SER A 8 24.38 0.30 -53.07
CA SER A 8 23.24 -0.59 -52.88
C SER A 8 23.45 -1.39 -51.59
N ALA A 9 22.35 -1.98 -51.10
CA ALA A 9 22.33 -2.78 -49.89
C ALA A 9 21.63 -4.11 -50.13
N ASN A 10 22.08 -5.14 -49.44
CA ASN A 10 21.63 -6.48 -49.74
C ASN A 10 20.85 -7.08 -48.57
N PHE A 11 19.72 -7.68 -48.88
CA PHE A 11 19.01 -8.53 -47.94
C PHE A 11 18.65 -9.79 -48.71
N ALA A 12 19.28 -10.91 -48.36
CA ALA A 12 19.08 -12.20 -49.00
C ALA A 12 19.39 -12.05 -50.49
N GLY A 13 18.43 -12.25 -51.39
CA GLY A 13 18.67 -12.14 -52.82
C GLY A 13 18.02 -10.96 -53.52
N VAL A 14 17.61 -9.94 -52.78
CA VAL A 14 16.95 -8.77 -53.38
C VAL A 14 17.82 -7.57 -53.13
N GLU A 15 17.98 -6.72 -54.13
CA GLU A 15 18.96 -5.70 -53.89
C GLU A 15 18.28 -4.32 -53.89
N TYR A 16 18.69 -3.46 -52.97
CA TYR A 16 18.05 -2.18 -52.73
C TYR A 16 18.99 -1.00 -52.89
N PRO A 17 18.60 0.01 -53.66
CA PRO A 17 19.43 1.22 -53.80
C PRO A 17 19.47 2.01 -52.50
N LEU A 18 20.63 2.60 -52.23
CA LEU A 18 20.81 3.46 -51.06
C LEU A 18 20.32 4.87 -51.42
N LEU A 19 19.23 5.31 -50.79
CA LEU A 19 18.73 6.62 -51.14
C LEU A 19 19.19 7.66 -50.14
N PRO A 20 19.46 8.88 -50.60
CA PRO A 20 20.03 9.90 -49.72
C PRO A 20 18.96 10.61 -48.88
N LEU A 21 19.38 11.01 -47.68
CA LEU A 21 18.61 11.90 -46.81
C LEU A 21 19.49 13.12 -46.58
N ASP A 22 19.27 14.17 -47.37
CA ASP A 22 20.20 15.29 -47.39
C ASP A 22 20.24 15.99 -46.03
N GLN A 23 21.23 16.86 -45.87
CA GLN A 23 21.52 17.52 -44.60
C GLN A 23 20.42 18.46 -44.14
N HIS A 24 19.36 18.65 -44.92
CA HIS A 24 18.23 19.47 -44.52
C HIS A 24 17.02 18.65 -44.13
N THR A 25 17.11 17.33 -44.15
CA THR A 25 16.05 16.48 -43.64
C THR A 25 15.83 16.81 -42.17
N PRO A 26 14.62 17.18 -41.76
CA PRO A 26 14.42 17.63 -40.38
C PRO A 26 14.58 16.51 -39.38
N LEU A 27 14.98 16.89 -38.17
CA LEU A 27 14.96 15.98 -37.03
C LEU A 27 13.63 16.11 -36.29
N LEU A 28 13.27 15.06 -35.57
CA LEU A 28 12.01 15.04 -34.84
C LEU A 28 12.23 14.47 -33.45
N PHE A 29 11.92 15.27 -32.43
CA PHE A 29 11.81 14.82 -31.07
C PHE A 29 10.35 14.85 -30.64
N GLN A 30 10.02 14.04 -29.63
CA GLN A 30 8.64 13.91 -29.18
C GLN A 30 8.61 13.93 -27.66
N TRP A 31 7.69 14.72 -27.11
CA TRP A 31 7.44 14.71 -25.68
C TRP A 31 5.94 14.88 -25.44
N PHE A 32 5.28 13.81 -25.02
CA PHE A 32 3.86 13.84 -24.64
C PHE A 32 3.81 13.85 -23.13
N GLU A 33 3.39 14.96 -22.54
CA GLU A 33 3.41 15.15 -21.10
C GLU A 33 2.05 14.77 -20.53
N ARG A 34 2.03 13.72 -19.70
CA ARG A 34 0.79 13.27 -19.07
C ARG A 34 0.42 14.10 -17.84
N ASN A 35 1.41 14.68 -17.16
CA ASN A 35 1.20 15.41 -15.92
C ASN A 35 1.91 16.76 -15.99
N PRO A 36 1.39 17.69 -16.80
CA PRO A 36 2.09 18.97 -16.99
C PRO A 36 2.24 19.79 -15.73
N SER A 37 1.36 19.62 -14.74
CA SER A 37 1.46 20.38 -13.50
C SER A 37 2.71 20.07 -12.70
N ARG A 38 3.44 19.01 -13.05
CA ARG A 38 4.70 18.71 -12.39
C ARG A 38 5.75 19.79 -12.63
N PHE A 39 5.68 20.46 -13.78
CA PHE A 39 6.63 21.50 -14.15
C PHE A 39 6.19 22.86 -13.60
N GLY A 40 7.12 23.81 -13.61
CA GLY A 40 6.76 25.16 -13.21
C GLY A 40 5.72 25.72 -14.14
N GLU A 41 4.88 26.61 -13.59
CA GLU A 41 3.76 27.14 -14.37
C GLU A 41 4.24 27.89 -15.61
N ASN A 42 5.42 28.50 -15.54
CA ASN A 42 6.02 29.22 -16.66
C ASN A 42 7.31 28.55 -17.13
N GLN A 43 7.42 27.24 -16.89
CA GLN A 43 8.58 26.44 -17.25
C GLN A 43 8.27 25.61 -18.49
N ILE A 44 9.29 25.42 -19.33
CA ILE A 44 9.18 24.56 -20.49
C ILE A 44 8.80 23.16 -20.03
N PRO A 45 7.61 22.65 -20.42
CA PRO A 45 7.10 21.38 -19.90
C PRO A 45 7.72 20.15 -20.55
N ILE A 46 9.04 20.12 -20.63
CA ILE A 46 9.80 18.97 -21.11
C ILE A 46 10.78 18.58 -20.01
N ILE A 47 10.83 17.29 -19.69
CA ILE A 47 11.65 16.83 -18.58
C ILE A 47 13.11 17.22 -18.83
N ASN A 48 13.76 17.76 -17.80
CA ASN A 48 15.14 18.21 -17.89
C ASN A 48 15.81 18.01 -16.53
N THR A 49 15.94 16.76 -16.11
CA THR A 49 16.66 16.44 -14.89
C THR A 49 18.05 15.92 -15.23
N GLN A 50 18.90 15.83 -14.20
CA GLN A 50 20.18 15.15 -14.36
C GLN A 50 19.92 13.76 -14.93
N GLN A 51 18.94 13.05 -14.34
CA GLN A 51 18.61 11.71 -14.79
C GLN A 51 18.14 11.68 -16.23
N ASN A 52 17.25 12.58 -16.58
CA ASN A 52 16.64 12.65 -17.91
C ASN A 52 16.73 14.08 -18.40
N PRO A 53 17.89 14.49 -18.95
CA PRO A 53 18.03 15.87 -19.47
C PRO A 53 17.55 16.02 -20.91
N TYR A 54 16.28 15.66 -21.15
CA TYR A 54 15.77 15.57 -22.52
C TYR A 54 15.71 16.94 -23.18
N LEU A 55 15.29 17.98 -22.44
CA LEU A 55 15.26 19.32 -23.01
C LEU A 55 16.66 19.79 -23.40
N ASN A 56 17.66 19.48 -22.57
CA ASN A 56 19.03 19.84 -22.90
C ASN A 56 19.53 19.09 -24.13
N ASN A 57 19.16 17.81 -24.25
CA ASN A 57 19.56 17.04 -25.43
C ASN A 57 18.94 17.60 -26.70
N ILE A 58 17.71 18.10 -26.62
CA ILE A 58 17.06 18.66 -27.80
C ILE A 58 17.73 19.96 -28.21
N ILE A 59 17.97 20.85 -27.25
CA ILE A 59 18.64 22.11 -27.54
C ILE A 59 20.04 21.87 -28.09
N ASN A 60 20.77 20.93 -27.50
CA ASN A 60 22.13 20.65 -27.94
C ASN A 60 22.16 20.13 -29.37
N ALA A 61 21.15 19.34 -29.75
CA ALA A 61 21.03 18.93 -31.14
C ALA A 61 20.79 20.14 -32.05
N ALA A 62 20.01 21.11 -31.57
CA ALA A 62 19.75 22.32 -32.35
C ALA A 62 21.02 23.14 -32.50
N ILE A 63 21.85 23.19 -31.46
CA ILE A 63 23.09 23.95 -31.54
C ILE A 63 24.06 23.32 -32.53
N ILE A 64 24.09 21.99 -32.60
CA ILE A 64 24.97 21.32 -33.54
C ILE A 64 24.43 21.43 -34.96
N GLU A 65 23.15 21.09 -35.15
CA GLU A 65 22.51 21.19 -36.45
C GLU A 65 21.81 22.55 -36.54
N LYS A 66 22.63 23.59 -36.74
CA LYS A 66 22.15 24.97 -36.71
C LYS A 66 21.26 25.31 -37.90
N GLU A 67 21.55 24.76 -39.07
CA GLU A 67 20.80 25.05 -40.28
C GLU A 67 19.76 23.99 -40.62
N ARG A 68 19.57 22.99 -39.76
CA ARG A 68 18.60 21.94 -40.00
C ARG A 68 17.39 22.15 -39.09
N THR A 69 16.20 21.96 -39.65
CA THR A 69 14.98 22.14 -38.86
C THR A 69 14.85 21.02 -37.82
N ILE A 70 14.53 21.40 -36.59
CA ILE A 70 14.38 20.47 -35.48
C ILE A 70 12.93 20.55 -35.01
N GLY A 71 12.15 19.52 -35.30
CA GLY A 71 10.77 19.45 -34.85
C GLY A 71 10.64 18.83 -33.48
N VAL A 72 9.74 19.39 -32.68
CA VAL A 72 9.44 18.90 -31.33
C VAL A 72 7.93 18.71 -31.27
N LEU A 73 7.47 17.48 -31.45
CA LEU A 73 6.04 17.17 -31.40
C LEU A 73 5.63 16.99 -29.94
N VAL A 74 4.77 17.89 -29.46
CA VAL A 74 4.36 17.90 -28.06
C VAL A 74 2.88 17.61 -27.96
N ASP A 75 2.45 17.28 -26.75
CA ASP A 75 1.04 17.01 -26.45
C ASP A 75 0.87 16.97 -24.95
N GLY A 76 -0.29 17.43 -24.47
CA GLY A 76 -0.57 17.47 -23.06
C GLY A 76 -1.40 18.68 -22.66
N ASN A 77 -1.97 18.64 -21.45
CA ASN A 77 -2.80 19.74 -20.96
C ASN A 77 -1.91 20.83 -20.37
N PHE A 78 -1.19 21.51 -21.25
CA PHE A 78 -0.25 22.55 -20.85
C PHE A 78 -0.99 23.81 -20.44
N SER A 79 -0.51 24.45 -19.38
CA SER A 79 -1.03 25.75 -18.96
C SER A 79 -0.66 26.81 -19.99
N ALA A 80 -1.28 27.98 -19.83
CA ALA A 80 -1.01 29.08 -20.76
C ALA A 80 0.44 29.56 -20.66
N GLY A 81 0.96 29.66 -19.44
CA GLY A 81 2.34 30.06 -19.28
C GLY A 81 3.34 29.04 -19.79
N GLN A 82 2.96 27.76 -19.81
CA GLN A 82 3.84 26.73 -20.34
C GLN A 82 3.88 26.73 -21.86
N LYS A 83 2.78 27.14 -22.51
CA LYS A 83 2.78 27.25 -23.96
C LYS A 83 3.56 28.47 -24.44
N LYS A 84 3.58 29.54 -23.65
CA LYS A 84 4.43 30.68 -23.98
C LYS A 84 5.91 30.34 -23.78
N ALA A 85 6.22 29.50 -22.78
CA ALA A 85 7.59 29.05 -22.60
C ALA A 85 8.06 28.24 -23.82
N LEU A 86 7.16 27.43 -24.39
CA LEU A 86 7.50 26.72 -25.61
C LEU A 86 7.69 27.68 -26.78
N ALA A 87 6.92 28.77 -26.81
CA ALA A 87 7.09 29.77 -27.86
C ALA A 87 8.41 30.52 -27.70
N LYS A 88 8.81 30.79 -26.45
CA LYS A 88 10.10 31.42 -26.19
C LYS A 88 11.24 30.50 -26.64
N LEU A 89 11.09 29.19 -26.44
CA LEU A 89 12.07 28.25 -26.93
C LEU A 89 12.23 28.34 -28.44
N GLU A 90 11.11 28.51 -29.15
CA GLU A 90 11.18 28.70 -30.60
C GLU A 90 11.95 29.97 -30.96
N LYS A 91 11.96 30.96 -30.06
CA LYS A 91 12.64 32.21 -30.33
C LYS A 91 14.15 32.09 -30.13
N GLN A 92 14.56 31.47 -29.01
CA GLN A 92 15.99 31.37 -28.70
C GLN A 92 16.72 30.50 -29.72
N TYR A 93 16.06 29.46 -30.22
CA TYR A 93 16.66 28.53 -31.17
C TYR A 93 15.83 28.51 -32.45
N GLU A 94 16.37 29.14 -33.50
CA GLU A 94 15.61 29.38 -34.73
C GLU A 94 15.12 28.10 -35.36
N ASN A 95 15.97 27.06 -35.37
CA ASN A 95 15.65 25.82 -36.06
C ASN A 95 14.68 24.93 -35.30
N ILE A 96 14.36 25.25 -34.05
CA ILE A 96 13.42 24.44 -33.27
C ILE A 96 12.00 24.85 -33.64
N LYS A 97 11.19 23.86 -34.01
CA LYS A 97 9.80 24.09 -34.40
C LYS A 97 8.91 23.23 -33.49
N VAL A 98 8.17 23.89 -32.60
CA VAL A 98 7.28 23.18 -31.69
C VAL A 98 5.96 22.94 -32.40
N ILE A 99 5.57 21.67 -32.48
CA ILE A 99 4.34 21.26 -33.16
C ILE A 99 3.42 20.61 -32.13
N TYR A 100 2.23 21.16 -31.98
CA TYR A 100 1.23 20.57 -31.09
C TYR A 100 0.51 19.46 -31.83
N ASN A 101 0.50 18.26 -31.25
CA ASN A 101 -0.10 17.11 -31.91
C ASN A 101 -1.57 17.33 -32.24
N SER A 102 -2.29 18.09 -31.41
CA SER A 102 -3.69 18.38 -31.67
C SER A 102 -3.87 19.28 -32.89
N ASP A 103 -2.83 20.01 -33.29
CA ASP A 103 -2.91 20.89 -34.45
C ASP A 103 -2.77 20.16 -35.77
N LEU A 104 -2.63 18.84 -35.76
CA LEU A 104 -2.48 18.05 -36.97
C LEU A 104 -3.72 17.18 -37.19
N ASP A 105 -4.00 16.91 -38.47
CA ASP A 105 -5.16 16.13 -38.86
C ASP A 105 -4.69 14.74 -39.25
N TYR A 106 -5.04 13.75 -38.44
CA TYR A 106 -4.67 12.36 -38.69
C TYR A 106 -5.82 11.53 -39.23
N SER A 107 -6.96 12.16 -39.54
CA SER A 107 -8.15 11.42 -39.91
C SER A 107 -7.97 10.61 -41.19
N MET A 108 -7.04 11.00 -42.05
CA MET A 108 -6.82 10.26 -43.29
C MET A 108 -6.15 8.91 -43.07
N TYR A 109 -5.62 8.66 -41.87
CA TYR A 109 -5.03 7.38 -41.53
C TYR A 109 -5.93 6.56 -40.62
N ASP A 110 -7.12 7.04 -40.30
CA ASP A 110 -7.97 6.44 -39.29
C ASP A 110 -8.83 5.33 -39.89
N LYS A 111 -9.38 4.51 -38.99
CA LYS A 111 -10.32 3.47 -39.37
C LYS A 111 -11.21 3.17 -38.16
N LYS A 112 -12.46 2.84 -38.43
CA LYS A 112 -13.41 2.55 -37.37
C LYS A 112 -13.14 1.18 -36.77
N LEU A 113 -13.21 1.10 -35.44
CA LEU A 113 -12.93 -0.16 -34.76
C LEU A 113 -13.98 -1.21 -35.10
N SER A 114 -15.25 -0.79 -35.21
CA SER A 114 -16.31 -1.72 -35.56
C SER A 114 -16.08 -2.33 -36.94
N ASP A 115 -15.48 -1.57 -37.86
CA ASP A 115 -15.14 -2.14 -39.16
C ASP A 115 -14.05 -3.19 -39.04
N ILE A 116 -13.02 -2.92 -38.23
CA ILE A 116 -11.94 -3.89 -38.05
C ILE A 116 -12.46 -5.17 -37.40
N TYR A 117 -13.30 -5.02 -36.37
CA TYR A 117 -13.79 -6.19 -35.65
C TYR A 117 -14.70 -7.03 -36.54
N LEU A 118 -15.62 -6.40 -37.28
CA LEU A 118 -16.53 -7.14 -38.14
C LEU A 118 -15.76 -7.85 -39.25
N GLU A 119 -14.76 -7.19 -39.83
CA GLU A 119 -13.93 -7.83 -40.84
C GLU A 119 -13.27 -9.09 -40.28
N ASN A 120 -12.77 -9.02 -39.04
CA ASN A 120 -12.11 -10.17 -38.44
C ASN A 120 -13.11 -11.24 -38.00
N ILE A 121 -14.29 -10.82 -37.53
CA ILE A 121 -15.31 -11.79 -37.15
C ILE A 121 -15.75 -12.61 -38.36
N ALA A 122 -15.98 -11.93 -39.50
CA ALA A 122 -16.36 -12.64 -40.71
C ALA A 122 -15.22 -13.55 -41.19
N LYS A 123 -13.99 -13.08 -41.10
CA LYS A 123 -12.85 -13.87 -41.58
C LYS A 123 -12.64 -15.10 -40.71
N ILE A 124 -12.75 -14.94 -39.38
CA ILE A 124 -12.57 -16.08 -38.50
C ILE A 124 -13.73 -17.05 -38.63
N GLU A 125 -14.95 -16.53 -38.84
CA GLU A 125 -16.13 -17.34 -39.02
C GLU A 125 -16.23 -17.95 -40.41
N ALA A 126 -15.45 -17.48 -41.38
CA ALA A 126 -15.44 -18.11 -42.70
C ALA A 126 -14.54 -19.33 -42.73
N GLN A 127 -14.07 -19.78 -41.57
CA GLN A 127 -13.24 -20.95 -41.37
C GLN A 127 -14.03 -22.07 -40.67
N PRO A 128 -13.74 -23.32 -41.00
CA PRO A 128 -14.39 -24.43 -40.29
C PRO A 128 -13.97 -24.48 -38.82
N ALA A 129 -14.80 -25.16 -38.03
CA ALA A 129 -14.54 -25.33 -36.59
C ALA A 129 -13.14 -25.84 -36.24
N ASN A 130 -12.44 -26.51 -37.17
CA ASN A 130 -11.13 -27.05 -36.83
C ASN A 130 -10.03 -25.99 -36.76
N VAL A 131 -10.11 -24.94 -37.60
CA VAL A 131 -9.08 -23.90 -37.60
C VAL A 131 -9.56 -22.63 -36.94
N ARG A 132 -10.80 -22.59 -36.46
CA ARG A 132 -11.33 -21.40 -35.83
C ARG A 132 -10.61 -21.14 -34.51
N ASP A 133 -10.10 -19.92 -34.33
CA ASP A 133 -9.52 -19.51 -33.05
C ASP A 133 -10.67 -19.02 -32.20
N GLU A 134 -11.33 -19.96 -31.50
CA GLU A 134 -12.56 -19.61 -30.80
C GLU A 134 -12.31 -18.66 -29.63
N TYR A 135 -11.10 -18.67 -29.07
CA TYR A 135 -10.82 -17.68 -28.04
C TYR A 135 -10.67 -16.29 -28.64
N LEU A 136 -9.99 -16.19 -29.79
CA LEU A 136 -9.89 -14.90 -30.47
C LEU A 136 -11.26 -14.44 -30.97
N LEU A 137 -12.04 -15.37 -31.54
CA LEU A 137 -13.39 -15.05 -31.99
C LEU A 137 -14.22 -14.44 -30.85
N GLY A 138 -14.21 -15.08 -29.68
CA GLY A 138 -14.99 -14.58 -28.57
C GLY A 138 -14.52 -13.23 -28.06
N GLU A 139 -13.20 -12.99 -28.08
CA GLU A 139 -12.67 -11.72 -27.61
C GLU A 139 -13.00 -10.58 -28.57
N ILE A 140 -13.00 -10.86 -29.87
CA ILE A 140 -13.28 -9.80 -30.85
C ILE A 140 -14.75 -9.39 -30.78
N LYS A 141 -15.66 -10.37 -30.67
CA LYS A 141 -17.08 -10.04 -30.53
C LYS A 141 -17.32 -9.26 -29.24
N LYS A 142 -16.56 -9.57 -28.21
CA LYS A 142 -16.68 -8.89 -26.92
C LYS A 142 -16.13 -7.47 -27.01
N SER A 143 -15.08 -7.27 -27.82
CA SER A 143 -14.59 -5.93 -28.07
C SER A 143 -15.57 -5.14 -28.94
N LEU A 144 -16.14 -5.80 -29.96
CA LEU A 144 -17.14 -5.14 -30.79
C LEU A 144 -18.38 -4.81 -29.99
N ASN A 145 -18.83 -5.73 -29.13
CA ASN A 145 -20.00 -5.47 -28.29
C ASN A 145 -19.76 -4.26 -27.40
N GLU A 146 -18.53 -4.10 -26.90
CA GLU A 146 -18.22 -2.97 -26.03
C GLU A 146 -18.27 -1.65 -26.80
N VAL A 147 -17.85 -1.66 -28.05
CA VAL A 147 -17.86 -0.44 -28.87
C VAL A 147 -19.29 -0.02 -29.19
N LEU A 148 -20.10 -0.94 -29.71
CA LEU A 148 -21.47 -0.62 -30.09
C LEU A 148 -22.30 -0.18 -28.88
N LYS A 149 -21.94 -0.65 -27.69
CA LYS A 149 -22.71 -0.28 -26.49
C LYS A 149 -22.31 1.10 -25.98
N ASN A 150 -21.03 1.44 -26.04
CA ASN A 150 -20.52 2.65 -25.41
C ASN A 150 -20.06 3.72 -26.39
N ASN A 151 -19.32 3.36 -27.44
CA ASN A 151 -18.79 4.33 -28.39
C ASN A 151 -18.79 3.74 -29.78
N PRO A 152 -19.96 3.70 -30.44
CA PRO A 152 -20.05 2.99 -31.73
C PRO A 152 -19.17 3.56 -32.83
N GLU A 153 -18.73 4.81 -32.69
CA GLU A 153 -17.85 5.43 -33.68
C GLU A 153 -16.39 5.45 -33.23
N GLU A 154 -16.04 4.62 -32.25
CA GLU A 154 -14.65 4.51 -31.81
C GLU A 154 -13.76 4.10 -32.98
N SER A 155 -12.63 4.78 -33.10
CA SER A 155 -11.71 4.55 -34.21
C SER A 155 -10.31 4.31 -33.66
N LEU A 156 -9.40 3.92 -34.56
CA LEU A 156 -8.01 3.70 -34.17
C LEU A 156 -7.42 4.94 -33.51
N VAL A 157 -7.75 6.12 -34.03
CA VAL A 157 -7.20 7.36 -33.47
C VAL A 157 -7.86 7.66 -32.12
N SER A 158 -9.19 7.64 -32.08
CA SER A 158 -9.89 7.96 -30.85
C SER A 158 -9.60 6.94 -29.75
N SER A 159 -9.43 5.68 -30.12
CA SER A 159 -9.10 4.65 -29.12
C SER A 159 -7.69 4.86 -28.59
N HIS A 160 -6.72 5.05 -29.49
CA HIS A 160 -5.34 5.30 -29.05
C HIS A 160 -5.22 6.64 -28.34
N ASP A 161 -6.08 7.61 -28.68
CA ASP A 161 -6.07 8.89 -28.00
C ASP A 161 -6.44 8.76 -26.52
N LYS A 162 -7.11 7.67 -26.14
CA LYS A 162 -7.52 7.43 -24.78
C LYS A 162 -6.51 6.60 -23.99
N ARG A 163 -5.53 6.01 -24.66
CA ARG A 163 -4.62 5.09 -23.98
C ARG A 163 -3.58 5.87 -23.18
N LEU A 164 -3.13 5.25 -22.09
CA LEU A 164 -2.06 5.76 -21.25
C LEU A 164 -0.79 4.97 -21.52
N GLY A 165 0.29 5.66 -21.83
CA GLY A 165 1.58 5.01 -21.92
C GLY A 165 2.22 5.18 -23.27
N HIS A 166 3.27 4.38 -23.50
CA HIS A 166 4.03 4.46 -24.74
C HIS A 166 3.20 4.10 -25.96
N VAL A 167 2.17 3.25 -25.79
CA VAL A 167 1.34 2.85 -26.90
C VAL A 167 0.72 4.06 -27.60
N ARG A 168 0.50 5.15 -26.86
CA ARG A 168 -0.03 6.37 -27.47
C ARG A 168 1.06 7.17 -28.15
N PHE A 169 2.26 7.24 -27.56
CA PHE A 169 3.36 7.93 -28.23
C PHE A 169 3.72 7.26 -29.54
N ASP A 170 3.89 5.94 -29.51
CA ASP A 170 4.28 5.19 -30.71
C ASP A 170 3.23 5.32 -31.81
N PHE A 171 1.95 5.41 -31.43
CA PHE A 171 0.89 5.50 -32.44
C PHE A 171 1.01 6.78 -33.25
N TYR A 172 1.03 7.93 -32.57
CA TYR A 172 1.15 9.20 -33.27
C TYR A 172 2.52 9.42 -33.87
N ARG A 173 3.54 8.74 -33.35
CA ARG A 173 4.89 8.86 -33.93
C ARG A 173 4.92 8.32 -35.36
N ASN A 174 4.29 7.17 -35.60
CA ASN A 174 4.29 6.58 -36.93
C ASN A 174 3.47 7.44 -37.89
N LEU A 175 2.38 8.04 -37.42
CA LEU A 175 1.54 8.85 -38.29
C LEU A 175 2.24 10.15 -38.69
N PHE A 176 2.95 10.76 -37.76
CA PHE A 176 3.75 11.95 -38.09
C PHE A 176 4.80 11.62 -39.14
N LEU A 177 5.51 10.50 -38.96
CA LEU A 177 6.53 10.11 -39.92
C LEU A 177 5.93 9.79 -41.29
N LEU A 178 4.68 9.33 -41.32
CA LEU A 178 3.99 9.19 -42.60
C LEU A 178 3.81 10.54 -43.27
N LYS A 179 3.46 11.57 -42.49
CA LYS A 179 3.38 12.92 -43.04
C LYS A 179 4.77 13.44 -43.42
N GLY A 180 5.79 13.11 -42.63
CA GLY A 180 7.13 13.53 -42.96
C GLY A 180 7.31 15.02 -42.83
N SER A 181 8.05 15.60 -43.77
CA SER A 181 8.25 17.04 -43.79
C SER A 181 6.94 17.80 -43.93
N ASN A 182 5.93 17.18 -44.57
CA ASN A 182 4.64 17.84 -44.76
C ASN A 182 4.02 18.26 -43.44
N ALA A 183 4.28 17.52 -42.36
CA ALA A 183 3.68 17.87 -41.07
C ALA A 183 4.12 19.25 -40.59
N PHE A 184 5.34 19.66 -40.93
CA PHE A 184 5.77 21.01 -40.58
C PHE A 184 4.99 22.06 -41.34
N LEU A 185 4.69 21.79 -42.62
CA LEU A 185 3.92 22.73 -43.42
C LEU A 185 2.44 22.72 -43.03
N GLU A 186 1.92 21.55 -42.64
CA GLU A 186 0.54 21.50 -42.16
C GLU A 186 0.38 22.27 -40.86
N ALA A 187 1.34 22.15 -39.95
CA ALA A 187 1.31 22.89 -38.69
C ALA A 187 1.63 24.37 -38.87
N GLY A 188 1.97 24.81 -40.07
CA GLY A 188 2.26 26.21 -40.32
C GLY A 188 3.53 26.73 -39.68
N LYS A 189 4.60 25.92 -39.69
CA LYS A 189 5.89 26.33 -39.14
C LYS A 189 6.66 27.10 -40.22
N HIS A 190 7.00 28.35 -39.92
CA HIS A 190 7.59 29.25 -40.89
C HIS A 190 9.12 29.18 -40.85
N GLY A 191 9.72 29.67 -41.93
CA GLY A 191 11.17 29.79 -42.01
C GLY A 191 11.91 28.47 -41.97
N CYS A 192 11.32 27.40 -42.50
CA CYS A 192 12.04 26.14 -42.62
C CYS A 192 12.92 26.09 -43.86
N HIS A 193 12.67 26.98 -44.83
CA HIS A 193 13.57 27.23 -45.95
C HIS A 193 13.76 26.01 -46.85
N HIS A 194 14.53 25.04 -46.39
CA HIS A 194 14.93 23.91 -47.22
C HIS A 194 14.01 22.70 -47.08
N LEU A 195 12.85 22.86 -46.45
CA LEU A 195 11.91 21.76 -46.32
C LEU A 195 11.15 21.56 -47.61
N GLN A 196 11.18 20.33 -48.12
CA GLN A 196 10.47 20.05 -49.37
C GLN A 196 9.16 19.33 -49.08
N PRO A 197 8.09 19.64 -49.81
CA PRO A 197 6.87 18.86 -49.68
C PRO A 197 7.11 17.43 -50.13
N GLY A 198 6.58 16.47 -49.37
CA GLY A 198 6.87 15.08 -49.62
C GLY A 198 8.24 14.63 -49.15
N GLY A 199 8.93 15.45 -48.35
CA GLY A 199 10.26 15.11 -47.90
C GLY A 199 10.24 14.22 -46.66
N GLY A 200 11.43 13.77 -46.28
CA GLY A 200 11.58 12.81 -45.20
C GLY A 200 11.65 13.45 -43.83
N CYS A 201 12.13 12.66 -42.88
CA CYS A 201 12.20 13.04 -41.47
C CYS A 201 13.03 12.00 -40.73
N ILE A 202 13.70 12.44 -39.67
CA ILE A 202 14.53 11.58 -38.84
C ILE A 202 14.06 11.73 -37.40
N TYR A 203 13.32 10.75 -36.90
CA TYR A 203 12.91 10.77 -35.51
C TYR A 203 14.01 10.22 -34.62
N LEU A 204 14.19 10.84 -33.46
CA LEU A 204 15.16 10.38 -32.47
C LEU A 204 14.50 10.39 -31.09
N ASP A 205 14.82 9.36 -30.29
CA ASP A 205 14.44 9.39 -28.89
C ASP A 205 15.16 10.55 -28.20
N ALA A 206 14.49 11.15 -27.21
CA ALA A 206 15.05 12.32 -26.55
C ALA A 206 16.33 12.01 -25.78
N ASP A 207 16.62 10.73 -25.54
CA ASP A 207 17.88 10.35 -24.89
C ASP A 207 18.97 9.99 -25.88
N MET A 208 18.72 10.16 -27.18
CA MET A 208 19.75 9.98 -28.20
C MET A 208 20.44 11.32 -28.40
N LEU A 209 21.70 11.43 -27.97
CA LEU A 209 22.40 12.70 -28.01
C LEU A 209 23.24 12.80 -29.27
N LEU A 210 23.16 13.94 -29.93
CA LEU A 210 23.99 14.25 -31.09
C LEU A 210 25.29 14.85 -30.59
N THR A 211 26.40 14.33 -31.11
CA THR A 211 27.73 14.82 -30.76
C THR A 211 28.42 15.55 -31.90
N GLY A 212 27.93 15.37 -33.13
CA GLY A 212 28.45 16.05 -34.29
C GLY A 212 27.34 16.14 -35.32
N LYS A 213 27.65 16.76 -36.45
CA LYS A 213 26.66 16.91 -37.50
C LYS A 213 26.44 15.57 -38.22
N LEU A 214 25.20 15.35 -38.66
CA LEU A 214 24.84 14.08 -39.28
C LEU A 214 25.20 14.06 -40.76
N GLY A 215 25.24 15.21 -41.42
CA GLY A 215 25.52 15.24 -42.84
C GLY A 215 24.41 14.57 -43.62
N THR A 216 24.79 13.91 -44.71
CA THR A 216 23.84 13.24 -45.59
C THR A 216 23.88 11.74 -45.34
N LEU A 217 22.72 11.17 -45.02
CA LEU A 217 22.60 9.74 -44.76
C LEU A 217 22.22 9.01 -46.04
N TYR A 218 22.55 7.72 -46.07
CA TYR A 218 22.21 6.83 -47.18
C TYR A 218 21.61 5.57 -46.59
N LEU A 219 20.31 5.36 -46.78
CA LEU A 219 19.59 4.25 -46.20
C LEU A 219 18.94 3.40 -47.29
N PRO A 220 18.83 2.08 -47.07
CA PRO A 220 18.21 1.20 -48.07
C PRO A 220 16.76 1.60 -48.32
N ASP A 221 16.49 2.02 -49.56
CA ASP A 221 15.18 2.56 -49.95
C ASP A 221 14.76 3.73 -49.06
N GLY A 222 15.75 4.43 -48.49
CA GLY A 222 15.46 5.62 -47.72
C GLY A 222 14.79 5.37 -46.38
N ILE A 223 15.06 4.23 -45.75
CA ILE A 223 14.50 3.95 -44.43
C ILE A 223 15.51 3.17 -43.62
N ALA A 224 15.61 3.49 -42.33
CA ALA A 224 16.42 2.74 -41.38
C ALA A 224 15.89 3.03 -39.99
N VAL A 225 16.07 2.06 -39.09
CA VAL A 225 15.56 2.18 -37.73
C VAL A 225 16.65 1.75 -36.75
N HIS A 226 16.45 2.11 -35.49
CA HIS A 226 17.36 1.73 -34.42
C HIS A 226 17.33 0.23 -34.20
N VAL A 227 18.50 -0.35 -33.99
CA VAL A 227 18.64 -1.76 -33.59
C VAL A 227 19.31 -1.75 -32.22
N SER A 228 18.57 -2.15 -31.20
CA SER A 228 19.06 -2.17 -29.83
C SER A 228 19.72 -3.50 -29.50
N ARG A 229 20.85 -3.45 -28.82
CA ARG A 229 21.55 -4.65 -28.38
C ARG A 229 21.65 -4.64 -26.86
N LYS A 230 21.02 -5.63 -26.23
CA LYS A 230 21.04 -5.78 -24.78
C LYS A 230 21.49 -7.21 -24.48
N GLY A 231 22.46 -7.35 -23.60
CA GLY A 231 23.08 -8.65 -23.39
C GLY A 231 23.64 -9.16 -24.71
N ASN A 232 23.14 -10.31 -25.17
CA ASN A 232 23.53 -10.88 -26.44
C ASN A 232 22.39 -10.85 -27.47
N SER A 233 21.34 -10.08 -27.21
CA SER A 233 20.18 -10.02 -28.07
C SER A 233 20.15 -8.72 -28.85
N MET A 234 19.46 -8.75 -29.99
CA MET A 234 19.22 -7.56 -30.79
C MET A 234 17.75 -7.52 -31.18
N SER A 235 17.27 -6.31 -31.47
CA SER A 235 15.84 -6.13 -31.74
C SER A 235 15.64 -4.83 -32.51
N LEU A 236 14.72 -4.87 -33.47
CA LEU A 236 14.27 -3.65 -34.11
C LEU A 236 13.59 -2.76 -33.08
N GLU A 237 13.88 -1.46 -33.17
CA GLU A 237 13.30 -0.50 -32.22
C GLU A 237 12.84 0.74 -32.97
N ASN A 238 11.96 1.50 -32.31
CA ASN A 238 11.44 2.75 -32.86
C ASN A 238 12.05 3.97 -32.19
N GLY A 239 13.17 3.79 -31.47
CA GLY A 239 13.87 4.93 -30.90
C GLY A 239 14.52 5.81 -31.93
N ILE A 240 14.81 5.27 -33.11
CA ILE A 240 15.23 6.04 -34.28
C ILE A 240 14.44 5.52 -35.47
N ILE A 241 13.79 6.43 -36.19
CA ILE A 241 13.14 6.09 -37.46
C ILE A 241 13.47 7.20 -38.44
N ALA A 242 14.15 6.85 -39.53
CA ALA A 242 14.56 7.80 -40.55
C ALA A 242 13.94 7.40 -41.87
N VAL A 243 13.28 8.35 -42.53
CA VAL A 243 12.65 8.13 -43.83
C VAL A 243 13.06 9.28 -44.74
N ASN A 244 13.26 8.97 -46.03
CA ASN A 244 13.65 9.97 -47.00
C ASN A 244 12.46 10.63 -47.69
N ARG A 245 11.25 10.12 -47.48
CA ARG A 245 10.07 10.66 -48.14
C ARG A 245 8.86 10.41 -47.26
N SER A 246 7.80 11.19 -47.51
CA SER A 246 6.55 11.01 -46.82
C SER A 246 5.84 9.76 -47.34
N GLU A 247 4.95 9.22 -46.50
CA GLU A 247 4.16 8.03 -46.82
C GLU A 247 5.06 6.89 -47.29
N HIS A 248 6.13 6.64 -46.54
CA HIS A 248 7.04 5.57 -46.88
C HIS A 248 6.30 4.25 -46.88
N PRO A 249 6.45 3.42 -47.93
CA PRO A 249 5.65 2.19 -48.02
C PRO A 249 5.86 1.23 -46.87
N ALA A 250 7.02 1.28 -46.20
CA ALA A 250 7.22 0.42 -45.03
C ALA A 250 6.33 0.86 -43.87
N LEU A 251 6.25 2.16 -43.61
CA LEU A 251 5.35 2.64 -42.57
C LEU A 251 3.90 2.56 -43.01
N LYS A 252 3.62 2.71 -44.30
CA LYS A 252 2.26 2.55 -44.80
C LYS A 252 1.78 1.11 -44.63
N LYS A 253 2.65 0.14 -44.91
CA LYS A 253 2.29 -1.26 -44.70
C LYS A 253 2.09 -1.55 -43.22
N GLY A 254 2.90 -0.92 -42.36
CA GLY A 254 2.69 -1.08 -40.92
C GLY A 254 1.33 -0.57 -40.48
N LEU A 255 0.89 0.57 -41.03
CA LEU A 255 -0.45 1.06 -40.75
C LEU A 255 -1.51 0.16 -41.36
N GLU A 256 -1.21 -0.43 -42.53
CA GLU A 256 -2.15 -1.36 -43.15
C GLU A 256 -2.35 -2.60 -42.29
N ILE A 257 -1.30 -3.05 -41.61
CA ILE A 257 -1.43 -4.18 -40.69
C ILE A 257 -2.34 -3.82 -39.52
N MET A 258 -2.23 -2.59 -39.03
CA MET A 258 -3.10 -2.14 -37.95
C MET A 258 -4.53 -1.90 -38.41
N HIS A 259 -4.74 -1.70 -39.71
CA HIS A 259 -6.09 -1.59 -40.25
C HIS A 259 -6.75 -2.95 -40.43
N SER A 260 -5.96 -4.03 -40.45
CA SER A 260 -6.48 -5.38 -40.64
C SER A 260 -6.42 -6.23 -39.39
N LYS A 261 -5.60 -5.87 -38.40
CA LYS A 261 -5.49 -6.63 -37.17
C LYS A 261 -6.44 -6.08 -36.10
N PRO A 262 -7.12 -6.96 -35.37
CA PRO A 262 -8.07 -6.47 -34.36
C PRO A 262 -7.41 -5.68 -33.24
N TYR A 263 -6.19 -6.05 -32.85
CA TYR A 263 -5.47 -5.40 -31.75
C TYR A 263 -4.04 -5.10 -32.16
N GLY A 264 -3.88 -4.41 -33.29
CA GLY A 264 -2.55 -4.10 -33.79
C GLY A 264 -1.81 -3.15 -32.85
N ASP A 265 -0.51 -3.39 -32.69
CA ASP A 265 0.35 -2.57 -31.85
C ASP A 265 1.16 -1.61 -32.70
N PRO A 266 1.22 -0.33 -32.33
CA PRO A 266 1.98 0.64 -33.16
C PRO A 266 3.45 0.31 -33.29
N TYR A 267 4.07 -0.29 -32.27
CA TYR A 267 5.49 -0.60 -32.35
C TYR A 267 5.74 -1.92 -33.08
N ILE A 268 5.14 -3.00 -32.58
CA ILE A 268 5.43 -4.33 -33.13
C ILE A 268 4.85 -4.48 -34.53
N ASP A 269 3.67 -3.92 -34.80
CA ASP A 269 3.06 -4.05 -36.11
C ASP A 269 3.32 -2.84 -36.99
N GLY A 270 3.16 -1.62 -36.45
CA GLY A 270 3.34 -0.43 -37.26
C GLY A 270 4.78 -0.21 -37.70
N VAL A 271 5.74 -0.70 -36.93
CA VAL A 271 7.15 -0.50 -37.26
C VAL A 271 7.80 -1.82 -37.66
N CYS A 272 7.87 -2.76 -36.71
CA CYS A 272 8.54 -4.03 -36.98
C CYS A 272 7.81 -4.84 -38.05
N GLY A 273 6.48 -4.90 -37.97
CA GLY A 273 5.72 -5.63 -38.98
C GLY A 273 5.79 -4.99 -40.35
N GLY A 274 5.71 -3.66 -40.40
CA GLY A 274 5.79 -2.99 -41.69
C GLY A 274 7.13 -3.17 -42.38
N LEU A 275 8.22 -3.08 -41.61
CA LEU A 275 9.54 -3.24 -42.19
C LEU A 275 9.76 -4.66 -42.70
N ARG A 276 9.39 -5.66 -41.88
CA ARG A 276 9.62 -7.05 -42.26
C ARG A 276 8.74 -7.46 -43.43
N HIS A 277 7.52 -6.93 -43.52
CA HIS A 277 6.67 -7.21 -44.67
C HIS A 277 7.19 -6.55 -45.93
N TYR A 278 7.61 -5.28 -45.81
CA TYR A 278 8.12 -4.54 -46.97
C TYR A 278 9.36 -5.20 -47.54
N PHE A 279 10.33 -5.52 -46.68
CA PHE A 279 11.60 -6.08 -47.11
C PHE A 279 11.60 -7.60 -47.17
N ASN A 280 10.45 -8.23 -46.92
CA ASN A 280 10.30 -9.68 -47.02
C ASN A 280 11.26 -10.41 -46.06
N CYS A 281 11.21 -10.03 -44.78
CA CYS A 281 11.91 -10.75 -43.72
C CYS A 281 10.90 -11.71 -43.10
N SER A 282 10.73 -12.86 -43.74
CA SER A 282 9.73 -13.84 -43.35
C SER A 282 10.23 -14.74 -42.21
N ILE A 283 9.51 -15.84 -41.99
CA ILE A 283 9.89 -16.85 -41.00
C ILE A 283 11.15 -17.56 -41.44
N ARG A 284 11.37 -17.66 -42.75
CA ARG A 284 12.52 -18.39 -43.30
C ARG A 284 13.82 -17.59 -43.22
N HIS A 285 13.77 -16.31 -42.88
CA HIS A 285 14.95 -15.47 -43.00
C HIS A 285 15.65 -15.26 -41.66
N ASN A 286 16.88 -14.75 -41.78
CA ASN A 286 17.74 -14.48 -40.63
C ASN A 286 17.36 -13.13 -40.05
N TYR A 287 16.78 -13.14 -38.86
CA TYR A 287 16.39 -11.88 -38.22
C TYR A 287 17.62 -11.01 -37.93
N GLU A 288 18.74 -11.64 -37.60
CA GLU A 288 19.97 -10.89 -37.35
C GLU A 288 20.49 -10.25 -38.62
N GLU A 289 20.39 -10.95 -39.75
CA GLU A 289 20.80 -10.39 -41.03
C GLU A 289 19.96 -9.17 -41.39
N PHE A 290 18.65 -9.24 -41.14
CA PHE A 290 17.77 -8.12 -41.43
C PHE A 290 18.10 -6.91 -40.55
N CYS A 291 18.45 -7.16 -39.29
CA CYS A 291 18.80 -6.06 -38.39
C CYS A 291 20.04 -5.30 -38.88
N ASN A 292 21.07 -6.04 -39.29
CA ASN A 292 22.28 -5.40 -39.80
C ASN A 292 22.00 -4.62 -41.09
N PHE A 293 21.05 -5.08 -41.89
CA PHE A 293 20.76 -4.43 -43.16
C PHE A 293 19.96 -3.14 -42.98
N ILE A 294 19.07 -3.10 -41.98
CA ILE A 294 18.18 -1.97 -41.78
C ILE A 294 18.64 -1.03 -40.66
N GLU A 295 19.73 -1.37 -39.96
CA GLU A 295 20.13 -0.62 -38.79
C GLU A 295 20.53 0.81 -39.13
N PHE A 296 20.07 1.75 -38.32
CA PHE A 296 20.49 3.15 -38.41
C PHE A 296 21.82 3.29 -37.69
N LYS A 297 22.88 3.56 -38.45
CA LYS A 297 24.22 3.69 -37.91
C LYS A 297 24.73 5.11 -38.13
N HIS A 298 25.22 5.73 -37.06
CA HIS A 298 25.91 7.01 -37.15
C HIS A 298 26.77 7.14 -35.91
N GLU A 299 28.09 7.37 -36.09
CA GLU A 299 28.94 7.49 -34.90
C GLU A 299 28.69 8.79 -34.14
N HIS A 300 28.04 9.79 -34.76
CA HIS A 300 27.82 11.06 -34.09
C HIS A 300 26.54 11.05 -33.25
N ILE A 301 25.96 9.88 -32.99
CA ILE A 301 24.80 9.73 -32.12
C ILE A 301 25.16 8.76 -31.01
N PHE A 302 25.10 9.22 -29.77
CA PHE A 302 25.26 8.35 -28.60
C PHE A 302 23.89 7.83 -28.21
N MET A 303 23.58 6.61 -28.64
CA MET A 303 22.23 6.11 -28.56
C MET A 303 21.85 5.68 -27.15
N ASP A 304 20.55 5.81 -26.86
CA ASP A 304 19.98 5.26 -25.63
C ASP A 304 20.77 5.52 -24.35
N THR A 305 20.88 6.76 -23.93
CA THR A 305 21.62 7.07 -22.70
C THR A 305 20.74 7.04 -21.45
N SER A 306 19.46 6.73 -21.60
CA SER A 306 18.62 6.49 -20.43
C SER A 306 18.77 5.07 -19.91
N SER A 307 19.49 4.21 -20.63
CA SER A 307 19.91 2.93 -20.07
C SER A 307 21.26 3.08 -19.40
N LEU A 308 21.44 4.26 -18.82
CA LEU A 308 22.46 4.50 -17.82
C LEU A 308 23.75 4.87 -18.49
N THR A 309 24.12 6.14 -18.33
CA THR A 309 25.19 6.83 -19.04
C THR A 309 25.52 8.15 -18.32
N GLY B 7 5.00 21.88 31.98
CA GLY B 7 5.38 23.22 32.39
C GLY B 7 4.36 24.27 31.99
N SER B 8 4.83 25.45 31.59
CA SER B 8 3.94 26.53 31.23
C SER B 8 4.56 27.35 30.11
N ALA B 9 3.70 28.06 29.38
CA ALA B 9 4.12 28.96 28.31
C ALA B 9 3.43 30.30 28.52
N ASN B 10 4.15 31.38 28.24
CA ASN B 10 3.68 32.72 28.51
C ASN B 10 3.46 33.49 27.22
N PHE B 11 2.33 34.17 27.13
CA PHE B 11 2.06 35.10 26.04
C PHE B 11 1.50 36.39 26.60
N ALA B 12 2.22 37.49 26.41
CA ALA B 12 1.79 38.83 26.84
C ALA B 12 1.58 38.92 28.35
N GLY B 13 2.50 38.33 29.11
CA GLY B 13 2.46 38.39 30.56
C GLY B 13 1.38 37.56 31.24
N VAL B 14 0.76 36.61 30.54
CA VAL B 14 -0.20 35.69 31.12
C VAL B 14 0.31 34.28 30.86
N GLU B 15 0.26 33.43 31.89
CA GLU B 15 0.80 32.08 31.80
C GLU B 15 -0.31 31.08 31.49
N TYR B 16 -0.03 30.18 30.54
CA TYR B 16 -0.95 29.13 30.16
C TYR B 16 -0.28 27.79 30.39
N PRO B 17 -0.90 26.87 31.12
CA PRO B 17 -0.29 25.55 31.31
C PRO B 17 -0.27 24.76 30.02
N LEU B 18 0.78 23.98 29.84
CA LEU B 18 0.88 23.07 28.69
C LEU B 18 0.05 21.83 29.00
N LEU B 19 -1.04 21.65 28.29
CA LEU B 19 -1.85 20.49 28.58
C LEU B 19 -1.54 19.36 27.60
N PRO B 20 -1.60 18.12 28.07
CA PRO B 20 -1.21 17.00 27.20
C PRO B 20 -2.32 16.57 26.26
N LEU B 21 -1.90 16.11 25.09
CA LEU B 21 -2.77 15.43 24.13
C LEU B 21 -2.17 14.05 23.94
N ASP B 22 -2.71 13.06 24.67
CA ASP B 22 -2.08 11.76 24.75
C ASP B 22 -2.04 11.08 23.38
N GLN B 23 -1.24 10.00 23.31
CA GLN B 23 -0.97 9.31 22.05
C GLN B 23 -2.21 8.63 21.46
N HIS B 24 -3.35 8.70 22.13
CA HIS B 24 -4.58 8.13 21.61
C HIS B 24 -5.55 9.19 21.11
N THR B 25 -5.18 10.47 21.17
CA THR B 25 -5.97 11.53 20.56
C THR B 25 -6.10 11.27 19.06
N PRO B 26 -7.31 11.17 18.53
CA PRO B 26 -7.46 10.79 17.12
C PRO B 26 -6.98 11.88 16.18
N LEU B 27 -6.56 11.45 14.99
CA LEU B 27 -6.28 12.36 13.90
C LEU B 27 -7.52 12.54 13.05
N LEU B 28 -7.57 13.65 12.32
CA LEU B 28 -8.72 13.96 11.47
C LEU B 28 -8.25 14.46 10.13
N PHE B 29 -8.62 13.76 9.07
CA PHE B 29 -8.51 14.23 7.70
C PHE B 29 -9.91 14.50 7.15
N GLN B 30 -9.96 15.37 6.14
CA GLN B 30 -11.23 15.81 5.59
C GLN B 30 -11.15 15.81 4.07
N TRP B 31 -12.18 15.26 3.42
CA TRP B 31 -12.30 15.35 1.97
C TRP B 31 -13.76 15.52 1.59
N PHE B 32 -14.13 16.73 1.16
CA PHE B 32 -15.46 17.02 0.65
C PHE B 32 -15.37 17.06 -0.87
N GLU B 33 -15.99 16.08 -1.53
CA GLU B 33 -15.84 15.90 -2.97
C GLU B 33 -16.98 16.59 -3.71
N ARG B 34 -16.64 17.59 -4.52
CA ARG B 34 -17.64 18.32 -5.29
C ARG B 34 -18.05 17.58 -6.56
N ASN B 35 -17.16 16.76 -7.12
CA ASN B 35 -17.43 16.08 -8.39
C ASN B 35 -17.06 14.61 -8.25
N PRO B 36 -17.85 13.86 -7.47
CA PRO B 36 -17.48 12.45 -7.23
C PRO B 36 -17.47 11.59 -8.47
N SER B 37 -18.22 11.97 -9.50
CA SER B 37 -18.25 11.20 -10.75
C SER B 37 -16.94 11.26 -11.51
N ARG B 38 -16.02 12.17 -11.14
CA ARG B 38 -14.70 12.16 -11.77
C ARG B 38 -13.95 10.88 -11.45
N PHE B 39 -14.23 10.28 -10.31
CA PHE B 39 -13.60 9.01 -9.95
C PHE B 39 -14.42 7.86 -10.52
N GLY B 40 -13.80 6.69 -10.54
CA GLY B 40 -14.47 5.49 -10.99
C GLY B 40 -15.66 5.11 -10.13
N GLU B 41 -16.55 4.31 -10.74
CA GLU B 41 -17.74 3.78 -10.09
C GLU B 41 -17.42 3.13 -8.77
N ASN B 42 -16.30 2.40 -8.75
CA ASN B 42 -15.92 1.61 -7.60
C ASN B 42 -14.58 2.04 -7.00
N GLN B 43 -14.18 3.29 -7.20
CA GLN B 43 -12.89 3.78 -6.69
C GLN B 43 -13.12 4.63 -5.46
N ILE B 44 -12.17 4.57 -4.52
CA ILE B 44 -12.20 5.43 -3.34
C ILE B 44 -12.21 6.87 -3.80
N PRO B 45 -13.28 7.63 -3.53
CA PRO B 45 -13.43 8.99 -4.07
C PRO B 45 -12.61 10.04 -3.32
N ILE B 46 -11.32 9.75 -3.11
CA ILE B 46 -10.37 10.66 -2.52
C ILE B 46 -9.24 10.85 -3.52
N ILE B 47 -8.89 12.12 -3.79
CA ILE B 47 -7.88 12.41 -4.80
C ILE B 47 -6.57 11.72 -4.44
N ASN B 48 -5.97 11.07 -5.42
CA ASN B 48 -4.71 10.35 -5.23
C ASN B 48 -3.92 10.45 -6.54
N THR B 49 -3.53 11.66 -6.90
CA THR B 49 -2.68 11.89 -8.06
C THR B 49 -1.24 12.11 -7.60
N GLN B 50 -0.34 12.14 -8.58
CA GLN B 50 1.05 12.48 -8.29
C GLN B 50 1.15 13.81 -7.55
N GLN B 51 0.52 14.85 -8.10
CA GLN B 51 0.55 16.16 -7.47
C GLN B 51 -0.10 16.16 -6.10
N ASN B 52 -1.23 15.47 -5.95
CA ASN B 52 -2.00 15.42 -4.71
C ASN B 52 -2.28 13.99 -4.31
N PRO B 53 -1.30 13.31 -3.70
CA PRO B 53 -1.50 11.93 -3.23
C PRO B 53 -2.15 11.88 -1.84
N TYR B 54 -3.31 12.50 -1.72
CA TYR B 54 -3.93 12.67 -0.40
C TYR B 54 -4.38 11.35 0.19
N LEU B 55 -4.95 10.46 -0.64
CA LEU B 55 -5.33 9.14 -0.14
C LEU B 55 -4.11 8.37 0.35
N ASN B 56 -2.99 8.47 -0.37
CA ASN B 56 -1.77 7.81 0.07
C ASN B 56 -1.23 8.45 1.34
N ASN B 57 -1.34 9.78 1.46
CA ASN B 57 -0.89 10.46 2.68
C ASN B 57 -1.72 10.05 3.88
N ILE B 58 -3.02 9.82 3.68
CA ILE B 58 -3.88 9.41 4.78
C ILE B 58 -3.54 7.99 5.23
N ILE B 59 -3.40 7.08 4.26
CA ILE B 59 -3.03 5.70 4.58
C ILE B 59 -1.68 5.65 5.26
N ASN B 60 -0.72 6.45 4.77
CA ASN B 60 0.62 6.45 5.36
C ASN B 60 0.59 6.92 6.81
N ALA B 61 -0.27 7.89 7.13
CA ALA B 61 -0.45 8.29 8.51
C ALA B 61 -1.05 7.17 9.35
N ALA B 62 -1.98 6.39 8.76
CA ALA B 62 -2.59 5.30 9.49
C ALA B 62 -1.58 4.19 9.77
N ILE B 63 -0.68 3.93 8.81
CA ILE B 63 0.33 2.89 9.01
C ILE B 63 1.34 3.32 10.08
N ILE B 64 1.66 4.61 10.12
CA ILE B 64 2.60 5.11 11.14
C ILE B 64 1.90 5.17 12.50
N GLU B 65 0.72 5.77 12.55
CA GLU B 65 -0.06 5.81 13.79
C GLU B 65 -1.01 4.62 13.78
N LYS B 66 -0.40 3.44 13.93
CA LYS B 66 -1.10 2.17 13.78
C LYS B 66 -2.04 1.92 14.96
N GLU B 67 -1.71 2.41 16.15
CA GLU B 67 -2.57 2.27 17.33
C GLU B 67 -3.41 3.49 17.61
N ARG B 68 -3.36 4.51 16.75
CA ARG B 68 -4.13 5.74 16.92
C ARG B 68 -5.27 5.78 15.92
N THR B 69 -6.44 6.23 16.39
CA THR B 69 -7.61 6.32 15.53
C THR B 69 -7.43 7.44 14.50
N ILE B 70 -7.74 7.15 13.24
CA ILE B 70 -7.61 8.10 12.15
C ILE B 70 -9.01 8.36 11.58
N GLY B 71 -9.54 9.56 11.83
CA GLY B 71 -10.83 9.94 11.28
C GLY B 71 -10.70 10.58 9.90
N VAL B 72 -11.63 10.24 9.02
CA VAL B 72 -11.70 10.80 7.67
C VAL B 72 -13.13 11.30 7.47
N LEU B 73 -13.32 12.62 7.63
CA LEU B 73 -14.63 13.23 7.46
C LEU B 73 -14.87 13.49 5.98
N VAL B 74 -15.85 12.80 5.39
CA VAL B 74 -16.11 12.88 3.96
C VAL B 74 -17.51 13.45 3.74
N ASP B 75 -17.74 13.91 2.51
CA ASP B 75 -19.04 14.43 2.09
C ASP B 75 -19.03 14.59 0.57
N GLY B 76 -20.19 14.38 -0.03
CA GLY B 76 -20.36 14.49 -1.47
C GLY B 76 -21.38 13.49 -1.96
N ASN B 77 -21.85 13.71 -3.19
CA ASN B 77 -22.87 12.85 -3.79
C ASN B 77 -22.20 11.61 -4.40
N PHE B 78 -21.67 10.78 -3.50
CA PHE B 78 -20.93 9.60 -3.91
C PHE B 78 -21.87 8.52 -4.43
N SER B 79 -21.44 7.84 -5.48
CA SER B 79 -22.20 6.68 -5.97
C SER B 79 -22.13 5.55 -4.94
N ALA B 80 -23.00 4.56 -5.13
CA ALA B 80 -23.04 3.44 -4.21
C ALA B 80 -21.75 2.63 -4.24
N GLY B 81 -21.20 2.40 -5.43
CA GLY B 81 -19.95 1.67 -5.53
C GLY B 81 -18.78 2.41 -4.91
N GLN B 82 -18.85 3.75 -4.88
CA GLN B 82 -17.82 4.53 -4.23
C GLN B 82 -17.94 4.48 -2.71
N LYS B 83 -19.16 4.30 -2.20
CA LYS B 83 -19.35 4.14 -0.77
C LYS B 83 -18.92 2.77 -0.27
N LYS B 84 -19.01 1.74 -1.11
CA LYS B 84 -18.46 0.45 -0.73
C LYS B 84 -16.94 0.48 -0.70
N ALA B 85 -16.32 1.25 -1.60
CA ALA B 85 -14.87 1.42 -1.56
C ALA B 85 -14.43 2.09 -0.27
N LEU B 86 -15.22 3.05 0.21
CA LEU B 86 -14.89 3.68 1.50
C LEU B 86 -15.02 2.69 2.65
N ALA B 87 -15.96 1.74 2.57
CA ALA B 87 -16.08 0.73 3.61
C ALA B 87 -14.91 -0.23 3.59
N LYS B 88 -14.43 -0.60 2.39
CA LYS B 88 -13.26 -1.47 2.31
C LYS B 88 -12.03 -0.81 2.91
N LEU B 89 -11.89 0.51 2.70
CA LEU B 89 -10.77 1.23 3.31
C LEU B 89 -10.82 1.15 4.83
N GLU B 90 -12.01 1.24 5.42
CA GLU B 90 -12.15 1.07 6.86
C GLU B 90 -11.71 -0.32 7.29
N LYS B 91 -11.89 -1.32 6.42
CA LYS B 91 -11.53 -2.69 6.75
C LYS B 91 -10.03 -2.93 6.60
N GLN B 92 -9.44 -2.44 5.50
CA GLN B 92 -8.03 -2.70 5.24
C GLN B 92 -7.13 -2.08 6.29
N TYR B 93 -7.51 -0.90 6.80
CA TYR B 93 -6.75 -0.19 7.83
C TYR B 93 -7.67 0.00 9.03
N GLU B 94 -7.45 -0.79 10.07
CA GLU B 94 -8.38 -0.85 11.20
C GLU B 94 -8.57 0.50 11.87
N ASN B 95 -7.50 1.29 11.98
CA ASN B 95 -7.58 2.55 12.70
C ASN B 95 -8.26 3.65 11.89
N ILE B 96 -8.54 3.43 10.60
CA ILE B 96 -9.21 4.44 9.79
C ILE B 96 -10.72 4.34 10.03
N LYS B 97 -11.34 5.48 10.35
CA LYS B 97 -12.77 5.56 10.59
C LYS B 97 -13.36 6.61 9.64
N VAL B 98 -14.15 6.16 8.67
CA VAL B 98 -14.78 7.04 7.70
C VAL B 98 -16.08 7.57 8.30
N ILE B 99 -16.20 8.89 8.39
CA ILE B 99 -17.36 9.55 8.97
C ILE B 99 -18.00 10.43 7.89
N TYR B 100 -19.27 10.18 7.61
CA TYR B 100 -20.01 11.01 6.67
C TYR B 100 -20.54 12.24 7.39
N ASN B 101 -20.24 13.42 6.86
CA ASN B 101 -20.64 14.67 7.49
C ASN B 101 -22.16 14.76 7.68
N SER B 102 -22.92 14.20 6.74
CA SER B 102 -24.38 14.25 6.85
C SER B 102 -24.90 13.38 8.00
N ASP B 103 -24.12 12.42 8.47
CA ASP B 103 -24.53 11.56 9.58
C ASP B 103 -24.36 12.22 10.94
N LEU B 104 -23.91 13.47 10.99
CA LEU B 104 -23.70 14.17 12.25
C LEU B 104 -24.71 15.31 12.39
N ASP B 105 -25.05 15.62 13.63
CA ASP B 105 -26.04 16.65 13.96
C ASP B 105 -25.31 17.89 14.45
N TYR B 106 -25.35 18.96 13.65
CA TYR B 106 -24.70 20.22 13.97
C TYR B 106 -25.67 21.29 14.46
N SER B 107 -26.94 20.93 14.68
CA SER B 107 -27.95 21.92 15.00
C SER B 107 -27.69 22.66 16.30
N MET B 108 -26.93 22.07 17.24
CA MET B 108 -26.66 22.72 18.50
C MET B 108 -25.68 23.89 18.37
N TYR B 109 -25.01 24.04 17.24
CA TYR B 109 -24.12 25.16 17.00
C TYR B 109 -24.70 26.17 16.03
N ASP B 110 -25.94 25.97 15.60
CA ASP B 110 -26.54 26.76 14.54
C ASP B 110 -27.18 28.03 15.10
N LYS B 111 -27.40 28.97 14.19
CA LYS B 111 -28.15 30.16 14.51
C LYS B 111 -28.75 30.63 13.20
N LYS B 112 -29.99 31.08 13.23
CA LYS B 112 -30.59 31.55 12.00
C LYS B 112 -30.32 33.03 11.74
N LEU B 113 -30.11 33.33 10.46
CA LEU B 113 -29.45 34.55 10.01
C LEU B 113 -30.26 35.80 10.30
N SER B 114 -31.60 35.74 10.19
CA SER B 114 -32.42 36.91 10.50
C SER B 114 -32.18 37.37 11.93
N ASP B 115 -31.88 36.45 12.84
CA ASP B 115 -31.52 36.84 14.19
C ASP B 115 -30.18 37.58 14.23
N ILE B 116 -29.19 37.10 13.48
CA ILE B 116 -27.89 37.76 13.43
C ILE B 116 -28.03 39.14 12.83
N TYR B 117 -28.77 39.27 11.74
CA TYR B 117 -28.91 40.56 11.06
C TYR B 117 -29.64 41.57 11.94
N LEU B 118 -30.74 41.16 12.56
CA LEU B 118 -31.51 42.07 13.40
C LEU B 118 -30.72 42.53 14.61
N GLU B 119 -29.97 41.60 15.23
CA GLU B 119 -29.13 41.97 16.38
C GLU B 119 -28.11 43.03 15.99
N ASN B 120 -27.51 42.90 14.80
CA ASN B 120 -26.49 43.85 14.38
C ASN B 120 -27.09 45.19 13.96
N ILE B 121 -28.29 45.18 13.39
CA ILE B 121 -28.97 46.42 13.04
C ILE B 121 -29.25 47.24 14.30
N ALA B 122 -29.73 46.56 15.36
CA ALA B 122 -29.96 47.25 16.62
C ALA B 122 -28.67 47.78 17.21
N LYS B 123 -27.58 47.01 17.11
CA LYS B 123 -26.33 47.45 17.71
C LYS B 123 -25.74 48.65 16.97
N ILE B 124 -25.78 48.64 15.63
CA ILE B 124 -25.21 49.73 14.85
C ILE B 124 -26.05 51.00 14.96
N GLU B 125 -27.37 50.87 14.99
CA GLU B 125 -28.24 52.04 15.06
C GLU B 125 -28.22 52.69 16.44
N ALA B 126 -27.74 51.96 17.44
CA ALA B 126 -27.59 52.46 18.79
C ALA B 126 -26.27 53.18 19.05
N GLN B 127 -25.49 53.47 18.00
CA GLN B 127 -24.22 54.17 18.13
C GLN B 127 -24.34 55.62 17.64
N PRO B 128 -23.52 56.54 18.20
CA PRO B 128 -23.69 57.99 17.95
C PRO B 128 -23.61 58.48 16.50
N ALA B 129 -23.83 57.62 15.52
CA ALA B 129 -23.89 57.97 14.10
C ALA B 129 -22.59 58.51 13.48
N ASN B 130 -21.70 59.11 14.29
CA ASN B 130 -20.42 59.54 13.74
C ASN B 130 -19.50 58.35 13.54
N VAL B 131 -19.68 57.30 14.35
CA VAL B 131 -18.87 56.10 14.30
C VAL B 131 -19.61 54.96 13.61
N ARG B 132 -20.83 55.19 13.15
CA ARG B 132 -21.65 54.16 12.53
C ARG B 132 -21.05 53.71 11.22
N ASP B 133 -20.94 52.39 11.04
CA ASP B 133 -20.52 51.81 9.76
C ASP B 133 -21.76 51.76 8.86
N GLU B 134 -22.03 52.89 8.21
CA GLU B 134 -23.27 53.06 7.48
C GLU B 134 -23.33 52.16 6.23
N TYR B 135 -22.19 51.79 5.66
CA TYR B 135 -22.22 50.87 4.54
C TYR B 135 -22.58 49.46 5.00
N LEU B 136 -22.04 49.04 6.14
CA LEU B 136 -22.37 47.73 6.68
C LEU B 136 -23.84 47.64 7.06
N LEU B 137 -24.36 48.69 7.72
CA LEU B 137 -25.78 48.74 8.06
C LEU B 137 -26.66 48.52 6.84
N GLY B 138 -26.38 49.23 5.75
CA GLY B 138 -27.19 49.08 4.55
C GLY B 138 -27.08 47.70 3.93
N GLU B 139 -25.90 47.09 3.99
CA GLU B 139 -25.72 45.76 3.43
C GLU B 139 -26.43 44.71 4.28
N ILE B 140 -26.44 44.90 5.61
CA ILE B 140 -27.12 43.95 6.49
C ILE B 140 -28.63 44.02 6.27
N LYS B 141 -29.16 45.23 6.11
CA LYS B 141 -30.58 45.38 5.81
C LYS B 141 -30.94 44.73 4.48
N LYS B 142 -30.02 44.77 3.51
CA LYS B 142 -30.29 44.11 2.23
C LYS B 142 -30.21 42.60 2.35
N SER B 143 -29.34 42.10 3.23
CA SER B 143 -29.29 40.66 3.49
C SER B 143 -30.53 40.18 4.23
N LEU B 144 -30.98 40.96 5.23
CA LEU B 144 -32.20 40.60 5.95
C LEU B 144 -33.41 40.59 5.03
N ASN B 145 -33.54 41.59 4.16
CA ASN B 145 -34.65 41.64 3.22
C ASN B 145 -34.66 40.42 2.31
N GLU B 146 -33.48 39.99 1.85
CA GLU B 146 -33.40 38.85 0.95
C GLU B 146 -33.76 37.55 1.68
N VAL B 147 -33.40 37.45 2.95
CA VAL B 147 -33.68 36.23 3.71
C VAL B 147 -35.18 36.09 3.93
N LEU B 148 -35.83 37.13 4.45
CA LEU B 148 -37.26 37.07 4.70
C LEU B 148 -38.06 36.82 3.43
N LYS B 149 -37.53 37.25 2.28
CA LYS B 149 -38.24 37.08 1.01
C LYS B 149 -38.06 35.69 0.44
N ASN B 150 -36.87 35.09 0.60
CA ASN B 150 -36.53 33.87 -0.09
C ASN B 150 -36.43 32.65 0.83
N ASN B 151 -35.76 32.79 1.98
CA ASN B 151 -35.57 31.67 2.91
C ASN B 151 -35.60 32.20 4.33
N PRO B 152 -36.79 32.47 4.86
CA PRO B 152 -36.88 33.15 6.16
C PRO B 152 -36.27 32.37 7.32
N GLU B 153 -36.09 31.05 7.17
CA GLU B 153 -35.46 30.23 8.20
C GLU B 153 -34.01 29.88 7.88
N GLU B 154 -33.39 30.62 6.95
CA GLU B 154 -31.99 30.38 6.62
C GLU B 154 -31.13 30.56 7.85
N SER B 155 -30.19 29.62 8.05
CA SER B 155 -29.34 29.61 9.22
C SER B 155 -27.88 29.53 8.80
N LEU B 156 -26.99 29.67 9.78
CA LEU B 156 -25.56 29.55 9.53
C LEU B 156 -25.21 28.23 8.87
N VAL B 157 -25.85 27.14 9.30
CA VAL B 157 -25.56 25.83 8.74
C VAL B 157 -26.14 25.71 7.34
N SER B 158 -27.41 26.06 7.17
CA SER B 158 -28.06 25.94 5.87
C SER B 158 -27.42 26.88 4.84
N SER B 159 -26.98 28.06 5.26
CA SER B 159 -26.34 28.99 4.33
C SER B 159 -24.99 28.45 3.87
N HIS B 160 -24.17 28.00 4.80
CA HIS B 160 -22.88 27.40 4.43
C HIS B 160 -23.07 26.10 3.67
N ASP B 161 -24.17 25.38 3.93
CA ASP B 161 -24.44 24.13 3.24
C ASP B 161 -24.67 24.31 1.74
N LYS B 162 -25.01 25.53 1.31
CA LYS B 162 -25.25 25.80 -0.10
C LYS B 162 -24.03 26.33 -0.83
N ARG B 163 -22.99 26.75 -0.10
CA ARG B 163 -21.85 27.41 -0.70
C ARG B 163 -20.88 26.41 -1.33
N LEU B 164 -20.21 26.88 -2.38
CA LEU B 164 -19.12 26.16 -3.02
C LEU B 164 -17.80 26.82 -2.65
N GLY B 165 -16.86 25.99 -2.23
CA GLY B 165 -15.49 26.32 -1.96
C GLY B 165 -15.08 25.90 -0.56
N HIS B 166 -13.93 26.44 -0.20
CA HIS B 166 -13.20 26.21 1.04
C HIS B 166 -14.04 26.61 2.25
N VAL B 167 -14.91 27.62 2.07
CA VAL B 167 -15.79 28.13 3.10
C VAL B 167 -16.72 27.05 3.67
N ARG B 168 -17.07 26.05 2.87
CA ARG B 168 -17.88 24.96 3.41
C ARG B 168 -17.03 23.93 4.12
N PHE B 169 -15.82 23.66 3.61
CA PHE B 169 -14.92 22.77 4.33
C PHE B 169 -14.55 23.35 5.69
N ASP B 170 -14.13 24.61 5.69
CA ASP B 170 -13.70 25.27 6.93
C ASP B 170 -14.84 25.37 7.93
N PHE B 171 -16.08 25.54 7.46
CA PHE B 171 -17.21 25.70 8.38
C PHE B 171 -17.44 24.42 9.17
N TYR B 172 -17.60 23.29 8.47
CA TYR B 172 -17.84 22.02 9.16
C TYR B 172 -16.59 21.52 9.87
N ARG B 173 -15.40 21.96 9.46
CA ARG B 173 -14.18 21.54 10.15
C ARG B 173 -14.16 22.04 11.58
N ASN B 174 -14.55 23.30 11.80
CA ASN B 174 -14.55 23.85 13.16
C ASN B 174 -15.62 23.19 14.02
N LEU B 175 -16.76 22.85 13.42
CA LEU B 175 -17.84 22.24 14.19
C LEU B 175 -17.49 20.82 14.60
N PHE B 176 -16.85 20.06 13.72
CA PHE B 176 -16.38 18.73 14.08
C PHE B 176 -15.40 18.80 15.25
N LEU B 177 -14.43 19.71 15.18
CA LEU B 177 -13.47 19.85 16.26
C LEU B 177 -14.12 20.30 17.56
N LEU B 178 -15.23 21.03 17.47
CA LEU B 178 -16.01 21.34 18.66
C LEU B 178 -16.58 20.07 19.28
N LYS B 179 -17.04 19.14 18.45
CA LYS B 179 -17.47 17.84 18.94
C LYS B 179 -16.29 17.04 19.46
N GLY B 180 -15.14 17.15 18.80
CA GLY B 180 -13.95 16.45 19.26
C GLY B 180 -14.07 14.96 19.11
N SER B 181 -13.57 14.22 20.11
CA SER B 181 -13.66 12.76 20.10
C SER B 181 -15.10 12.29 20.07
N ASN B 182 -16.03 13.08 20.62
CA ASN B 182 -17.43 12.69 20.66
C ASN B 182 -18.01 12.40 19.27
N ALA B 183 -17.50 13.08 18.25
CA ALA B 183 -18.02 12.90 16.89
C ALA B 183 -17.85 11.46 16.41
N PHE B 184 -16.78 10.78 16.85
CA PHE B 184 -16.60 9.38 16.48
C PHE B 184 -17.65 8.50 17.13
N LEU B 185 -18.01 8.79 18.38
CA LEU B 185 -19.04 8.01 19.06
C LEU B 185 -20.43 8.34 18.52
N GLU B 186 -20.67 9.59 18.13
CA GLU B 186 -21.95 9.95 17.52
C GLU B 186 -22.13 9.25 16.18
N ALA B 187 -21.07 9.17 15.38
CA ALA B 187 -21.12 8.49 14.10
C ALA B 187 -21.16 6.97 14.24
N GLY B 188 -21.07 6.44 15.46
CA GLY B 188 -21.14 5.01 15.68
C GLY B 188 -19.94 4.24 15.15
N LYS B 189 -18.74 4.80 15.28
CA LYS B 189 -17.52 4.13 14.86
C LYS B 189 -17.05 3.23 15.99
N HIS B 190 -16.93 1.94 15.72
CA HIS B 190 -16.66 0.95 16.74
C HIS B 190 -15.16 0.65 16.85
N GLY B 191 -14.79 0.06 17.98
CA GLY B 191 -13.41 -0.37 18.20
C GLY B 191 -12.39 0.73 18.26
N CYS B 192 -12.78 1.91 18.73
CA CYS B 192 -11.81 2.98 18.95
C CYS B 192 -11.08 2.82 20.28
N HIS B 193 -11.63 2.03 21.20
CA HIS B 193 -10.95 1.56 22.40
C HIS B 193 -10.53 2.68 23.34
N HIS B 194 -9.49 3.44 22.98
CA HIS B 194 -8.91 4.43 23.87
C HIS B 194 -9.51 5.82 23.68
N LEU B 195 -10.60 5.93 22.94
CA LEU B 195 -11.26 7.22 22.74
C LEU B 195 -12.07 7.59 23.96
N GLN B 196 -11.82 8.78 24.51
CA GLN B 196 -12.59 9.16 25.68
C GLN B 196 -13.69 10.14 25.32
N PRO B 197 -14.86 10.03 25.94
CA PRO B 197 -15.90 11.04 25.73
C PRO B 197 -15.43 12.40 26.23
N GLY B 198 -15.72 13.44 25.45
CA GLY B 198 -15.21 14.75 25.75
C GLY B 198 -13.75 14.96 25.39
N GLY B 199 -13.15 14.03 24.64
CA GLY B 199 -11.74 14.13 24.31
C GLY B 199 -11.49 14.98 23.08
N GLY B 200 -10.21 15.22 22.82
CA GLY B 200 -9.78 16.12 21.76
C GLY B 200 -9.69 15.45 20.41
N CYS B 201 -8.98 16.13 19.51
CA CYS B 201 -8.82 15.72 18.12
C CYS B 201 -7.73 16.57 17.50
N ILE B 202 -7.05 16.01 16.51
CA ILE B 202 -5.95 16.68 15.81
C ILE B 202 -6.28 16.63 14.32
N TYR B 203 -6.73 17.76 13.77
CA TYR B 203 -6.97 17.84 12.33
C TYR B 203 -5.67 18.13 11.60
N LEU B 204 -5.50 17.49 10.45
CA LEU B 204 -4.36 17.74 9.58
C LEU B 204 -4.85 17.89 8.14
N ASP B 205 -4.26 18.83 7.41
CA ASP B 205 -4.51 18.90 5.98
C ASP B 205 -3.99 17.65 5.30
N ALA B 206 -4.69 17.23 4.24
CA ALA B 206 -4.34 16.00 3.56
C ALA B 206 -2.96 16.05 2.91
N ASP B 207 -2.38 17.23 2.75
CA ASP B 207 -1.03 17.37 2.21
C ASP B 207 0.03 17.44 3.29
N MET B 208 -0.35 17.27 4.55
CA MET B 208 0.61 17.20 5.65
C MET B 208 1.04 15.75 5.80
N LEU B 209 2.30 15.46 5.50
CA LEU B 209 2.79 14.09 5.48
C LEU B 209 3.42 13.76 6.82
N LEU B 210 3.00 12.65 7.41
CA LEU B 210 3.56 12.14 8.65
C LEU B 210 4.75 11.24 8.32
N THR B 211 5.87 11.46 9.00
CA THR B 211 7.05 10.63 8.83
C THR B 211 7.38 9.80 10.06
N GLY B 212 6.80 10.14 11.21
CA GLY B 212 6.99 9.38 12.43
C GLY B 212 5.80 9.58 13.35
N LYS B 213 5.84 8.91 14.49
CA LYS B 213 4.75 8.99 15.45
C LYS B 213 4.78 10.34 16.17
N LEU B 214 3.58 10.84 16.50
CA LEU B 214 3.48 12.14 17.16
C LEU B 214 3.66 12.04 18.66
N GLY B 215 3.38 10.88 19.25
CA GLY B 215 3.50 10.74 20.69
C GLY B 215 2.51 11.63 21.41
N THR B 216 2.93 12.16 22.56
CA THR B 216 2.09 13.00 23.38
C THR B 216 2.50 14.46 23.17
N LEU B 217 1.54 15.29 22.78
CA LEU B 217 1.79 16.71 22.57
C LEU B 217 1.45 17.49 23.83
N TYR B 218 2.08 18.66 23.95
CA TYR B 218 1.82 19.59 25.05
C TYR B 218 1.60 20.97 24.47
N LEU B 219 0.36 21.44 24.50
CA LEU B 219 -0.03 22.70 23.87
C LEU B 219 -0.56 23.68 24.91
N PRO B 220 -0.35 24.98 24.70
CA PRO B 220 -0.85 25.97 25.68
C PRO B 220 -2.36 25.91 25.80
N ASP B 221 -2.84 25.54 26.99
CA ASP B 221 -4.25 25.30 27.25
C ASP B 221 -4.85 24.27 26.28
N GLY B 222 -4.00 23.39 25.77
CA GLY B 222 -4.46 22.29 24.93
C GLY B 222 -4.91 22.68 23.54
N ILE B 223 -4.35 23.72 22.96
CA ILE B 223 -4.69 24.10 21.59
C ILE B 223 -3.46 24.67 20.91
N ALA B 224 -3.30 24.32 19.62
CA ALA B 224 -2.26 24.88 18.77
C ALA B 224 -2.71 24.70 17.32
N VAL B 225 -2.26 25.61 16.46
CA VAL B 225 -2.65 25.59 15.06
C VAL B 225 -1.43 25.79 14.17
N HIS B 226 -1.62 25.47 12.89
CA HIS B 226 -0.57 25.66 11.89
C HIS B 226 -0.30 27.14 11.67
N VAL B 227 0.97 27.50 11.55
CA VAL B 227 1.40 28.84 11.19
C VAL B 227 2.19 28.73 9.89
N SER B 228 1.64 29.31 8.83
CA SER B 228 2.28 29.25 7.52
C SER B 228 3.23 30.44 7.36
N ARG B 229 4.43 30.15 6.84
CA ARG B 229 5.43 31.17 6.60
C ARG B 229 5.79 31.18 5.11
N LYS B 230 5.51 32.29 4.46
CA LYS B 230 5.81 32.48 3.03
C LYS B 230 6.59 33.78 2.87
N GLY B 231 7.68 33.72 2.12
CA GLY B 231 8.58 34.87 2.04
C GLY B 231 9.04 35.28 3.42
N ASN B 232 8.70 36.51 3.81
CA ASN B 232 9.02 37.01 5.14
C ASN B 232 7.78 37.19 6.00
N SER B 233 6.65 36.63 5.59
CA SER B 233 5.39 36.78 6.29
C SER B 233 5.02 35.48 7.00
N MET B 234 4.21 35.62 8.06
CA MET B 234 3.64 34.49 8.77
C MET B 234 2.16 34.75 9.01
N SER B 235 1.40 33.67 9.18
CA SER B 235 -0.04 33.79 9.30
C SER B 235 -0.61 32.56 10.00
N LEU B 236 -1.59 32.79 10.87
CA LEU B 236 -2.36 31.69 11.44
C LEU B 236 -3.12 30.95 10.33
N GLU B 237 -3.14 29.63 10.41
CA GLU B 237 -3.81 28.83 9.41
C GLU B 237 -4.60 27.71 10.07
N ASN B 238 -5.54 27.16 9.31
CA ASN B 238 -6.37 26.05 9.77
C ASN B 238 -5.96 24.74 9.11
N GLY B 239 -4.77 24.69 8.53
CA GLY B 239 -4.26 23.43 7.98
C GLY B 239 -3.90 22.42 9.05
N ILE B 240 -3.64 22.88 10.26
CA ILE B 240 -3.50 22.03 11.43
C ILE B 240 -4.28 22.68 12.57
N ILE B 241 -5.17 21.92 13.21
CA ILE B 241 -5.86 22.36 14.41
C ILE B 241 -5.84 21.20 15.40
N ALA B 242 -5.24 21.42 16.56
CA ALA B 242 -5.13 20.41 17.60
C ALA B 242 -5.80 20.92 18.86
N VAL B 243 -6.70 20.11 19.42
CA VAL B 243 -7.40 20.42 20.65
C VAL B 243 -7.33 19.21 21.57
N ASN B 244 -7.22 19.46 22.87
CA ASN B 244 -7.13 18.39 23.85
C ASN B 244 -8.49 17.99 24.40
N ARG B 245 -9.55 18.73 24.10
CA ARG B 245 -10.87 18.43 24.62
C ARG B 245 -11.92 18.96 23.66
N SER B 246 -13.13 18.40 23.78
CA SER B 246 -14.24 18.89 23.00
C SER B 246 -14.70 20.24 23.51
N GLU B 247 -15.35 21.00 22.63
CA GLU B 247 -15.88 22.32 22.95
C GLU B 247 -14.78 23.21 23.55
N HIS B 248 -13.63 23.24 22.89
CA HIS B 248 -12.52 24.06 23.36
C HIS B 248 -12.95 25.53 23.36
N PRO B 249 -12.71 26.26 24.44
CA PRO B 249 -13.21 27.64 24.52
C PRO B 249 -12.65 28.55 23.42
N ALA B 250 -11.48 28.25 22.88
CA ALA B 250 -10.95 29.04 21.77
C ALA B 250 -11.79 28.85 20.52
N LEU B 251 -12.14 27.59 20.21
CA LEU B 251 -13.03 27.37 19.08
C LEU B 251 -14.45 27.83 19.37
N LYS B 252 -14.91 27.76 20.60
CA LYS B 252 -16.25 28.27 20.84
C LYS B 252 -16.29 29.79 20.75
N LYS B 253 -15.24 30.47 21.22
CA LYS B 253 -15.24 31.92 21.05
C LYS B 253 -15.24 32.25 19.56
N GLY B 254 -14.55 31.44 18.75
CA GLY B 254 -14.63 31.62 17.30
C GLY B 254 -16.03 31.44 16.76
N LEU B 255 -16.75 30.44 17.27
CA LEU B 255 -18.15 30.28 16.90
C LEU B 255 -19.02 31.42 17.45
N GLU B 256 -18.66 31.93 18.62
CA GLU B 256 -19.38 33.06 19.20
C GLU B 256 -19.26 34.30 18.33
N ILE B 257 -18.10 34.51 17.71
CA ILE B 257 -17.93 35.62 16.79
C ILE B 257 -18.81 35.43 15.56
N MET B 258 -18.93 34.20 15.08
CA MET B 258 -19.77 33.92 13.92
C MET B 258 -21.26 34.01 14.25
N HIS B 259 -21.63 33.87 15.52
CA HIS B 259 -23.02 34.08 15.93
C HIS B 259 -23.35 35.56 16.07
N SER B 260 -22.33 36.42 16.20
CA SER B 260 -22.54 37.84 16.36
C SER B 260 -22.14 38.67 15.14
N LYS B 261 -21.34 38.11 14.24
CA LYS B 261 -20.93 38.87 13.06
C LYS B 261 -21.88 38.59 11.90
N PRO B 262 -22.26 39.64 11.15
CA PRO B 262 -23.21 39.43 10.04
C PRO B 262 -22.67 38.55 8.94
N TYR B 263 -21.37 38.61 8.65
CA TYR B 263 -20.75 37.85 7.58
C TYR B 263 -19.47 37.19 8.08
N GLY B 264 -19.59 36.45 9.19
CA GLY B 264 -18.42 35.81 9.77
C GLY B 264 -17.85 34.72 8.87
N ASP B 265 -16.52 34.64 8.83
CA ASP B 265 -15.79 33.65 8.05
C ASP B 265 -15.31 32.53 8.96
N PRO B 266 -15.51 31.26 8.59
CA PRO B 266 -15.07 30.15 9.45
C PRO B 266 -13.58 30.14 9.71
N TYR B 267 -12.76 30.57 8.74
CA TYR B 267 -11.32 30.58 8.93
C TYR B 267 -10.86 31.84 9.65
N ILE B 268 -11.21 33.01 9.11
CA ILE B 268 -10.72 34.27 9.65
C ILE B 268 -11.30 34.52 11.04
N ASP B 269 -12.58 34.24 11.22
CA ASP B 269 -13.26 34.50 12.50
C ASP B 269 -13.37 33.26 13.38
N GLY B 270 -13.77 32.13 12.81
CA GLY B 270 -13.94 30.93 13.61
C GLY B 270 -12.66 30.38 14.18
N VAL B 271 -11.53 30.61 13.49
CA VAL B 271 -10.24 30.09 13.94
C VAL B 271 -9.34 31.22 14.40
N CYS B 272 -8.96 32.09 13.47
CA CYS B 272 -8.03 33.17 13.81
C CYS B 272 -8.64 34.14 14.82
N GLY B 273 -9.91 34.51 14.62
CA GLY B 273 -10.58 35.40 15.57
C GLY B 273 -10.76 34.76 16.93
N GLY B 274 -11.14 33.48 16.95
CA GLY B 274 -11.31 32.80 18.22
C GLY B 274 -10.02 32.67 18.99
N LEU B 275 -8.92 32.33 18.29
CA LEU B 275 -7.63 32.19 18.96
C LEU B 275 -7.15 33.52 19.51
N ARG B 276 -7.23 34.58 18.71
CA ARG B 276 -6.73 35.88 19.14
C ARG B 276 -7.56 36.47 20.27
N HIS B 277 -8.87 36.21 20.26
CA HIS B 277 -9.71 36.67 21.37
C HIS B 277 -9.42 35.89 22.64
N TYR B 278 -9.28 34.56 22.52
CA TYR B 278 -9.03 33.72 23.69
C TYR B 278 -7.71 34.09 24.36
N PHE B 279 -6.64 34.19 23.58
CA PHE B 279 -5.32 34.47 24.10
C PHE B 279 -5.00 35.95 24.16
N ASN B 280 -5.95 36.82 23.82
CA ASN B 280 -5.79 38.27 23.90
C ASN B 280 -4.62 38.76 23.04
N CYS B 281 -4.64 38.39 21.77
CA CYS B 281 -3.70 38.94 20.79
C CYS B 281 -4.41 40.09 20.07
N SER B 282 -4.42 41.25 20.70
CA SER B 282 -5.13 42.41 20.18
C SER B 282 -4.26 43.10 19.13
N ILE B 283 -4.70 44.30 18.71
CA ILE B 283 -3.91 45.09 17.77
C ILE B 283 -2.64 45.62 18.43
N ARG B 284 -2.66 45.84 19.75
CA ARG B 284 -1.51 46.36 20.46
C ARG B 284 -0.46 45.30 20.75
N HIS B 285 -0.75 44.04 20.46
CA HIS B 285 0.15 42.95 20.81
C HIS B 285 1.00 42.54 19.61
N ASN B 286 2.03 41.75 19.88
CA ASN B 286 2.96 41.31 18.84
C ASN B 286 2.37 40.09 18.16
N TYR B 287 1.93 40.26 16.91
CA TYR B 287 1.39 39.14 16.15
C TYR B 287 2.45 38.08 15.90
N GLU B 288 3.69 38.51 15.69
CA GLU B 288 4.77 37.56 15.45
C GLU B 288 5.06 36.73 16.69
N GLU B 289 5.02 37.36 17.87
CA GLU B 289 5.20 36.61 19.12
C GLU B 289 4.07 35.61 19.33
N PHE B 290 2.83 36.01 18.99
CA PHE B 290 1.70 35.12 19.17
C PHE B 290 1.80 33.90 18.27
N CYS B 291 2.33 34.08 17.05
CA CYS B 291 2.48 32.95 16.14
C CYS B 291 3.43 31.92 16.71
N ASN B 292 4.58 32.35 17.26
CA ASN B 292 5.51 31.41 17.86
C ASN B 292 4.91 30.72 19.07
N PHE B 293 4.02 31.40 19.79
CA PHE B 293 3.45 30.84 21.02
C PHE B 293 2.38 29.79 20.72
N ILE B 294 1.60 29.98 19.66
CA ILE B 294 0.48 29.11 19.35
C ILE B 294 0.80 28.10 18.25
N GLU B 295 1.98 28.17 17.65
CA GLU B 295 2.30 27.32 16.50
C GLU B 295 2.34 25.84 16.88
N PHE B 296 1.77 25.01 16.01
CA PHE B 296 1.88 23.56 16.13
C PHE B 296 3.23 23.13 15.55
N LYS B 297 4.12 22.65 16.41
CA LYS B 297 5.47 22.26 16.01
C LYS B 297 5.64 20.75 16.20
N HIS B 298 6.12 20.07 15.16
CA HIS B 298 6.47 18.66 15.28
C HIS B 298 7.43 18.27 14.17
N GLU B 299 8.55 17.65 14.55
CA GLU B 299 9.57 17.25 13.59
C GLU B 299 9.06 16.16 12.64
N HIS B 300 8.10 15.35 13.08
CA HIS B 300 7.64 14.20 12.32
C HIS B 300 6.53 14.55 11.33
N ILE B 301 6.30 15.84 11.07
CA ILE B 301 5.32 16.28 10.08
C ILE B 301 6.05 17.14 9.06
N PHE B 302 6.03 16.71 7.79
CA PHE B 302 6.51 17.54 6.70
C PHE B 302 5.32 18.34 6.21
N MET B 303 5.23 19.59 6.65
CA MET B 303 4.02 20.38 6.47
C MET B 303 3.90 20.90 5.04
N ASP B 304 2.64 21.07 4.63
CA ASP B 304 2.27 21.69 3.35
C ASP B 304 3.14 21.20 2.20
N THR B 305 3.02 19.91 1.91
CA THR B 305 3.78 19.30 0.81
C THR B 305 3.07 19.46 -0.53
N SER B 306 1.90 20.09 -0.56
CA SER B 306 1.29 20.42 -1.85
C SER B 306 1.89 21.69 -2.43
N SER B 307 2.71 22.40 -1.64
CA SER B 307 3.61 23.41 -2.18
C SER B 307 4.97 22.74 -2.34
N LEU B 308 4.95 21.45 -2.68
CA LEU B 308 6.15 20.63 -2.86
C LEU B 308 7.32 20.92 -1.90
N SER C 5 -0.24 -0.59 -6.85
CA SER C 5 -0.64 -0.12 -8.17
C SER C 5 -2.16 -0.02 -8.27
N SER C 6 -2.81 -1.14 -8.56
CA SER C 6 -4.28 -1.17 -8.58
C SER C 6 -4.84 -1.01 -7.17
N GLY C 7 -4.50 -1.94 -6.28
CA GLY C 7 -4.96 -1.88 -4.89
C GLY C 7 -3.93 -2.50 -3.98
N SER C 8 -4.42 -3.21 -2.96
CA SER C 8 -3.53 -3.82 -1.98
C SER C 8 -4.13 -5.14 -1.53
N ALA C 9 -3.28 -6.00 -0.95
CA ALA C 9 -3.67 -7.31 -0.46
C ALA C 9 -3.22 -7.46 0.98
N ASN C 10 -4.02 -8.15 1.78
CA ASN C 10 -3.83 -8.23 3.21
C ASN C 10 -3.40 -9.64 3.62
N PHE C 11 -2.34 -9.71 4.42
CA PHE C 11 -1.93 -10.95 5.07
C PHE C 11 -1.58 -10.63 6.51
N ALA C 12 -2.34 -11.20 7.45
CA ALA C 12 -2.11 -11.01 8.88
C ALA C 12 -2.20 -9.55 9.29
N GLY C 13 -3.26 -8.88 8.83
CA GLY C 13 -3.47 -7.48 9.16
C GLY C 13 -2.45 -6.51 8.59
N VAL C 14 -1.67 -6.93 7.60
CA VAL C 14 -0.70 -6.07 6.93
C VAL C 14 -1.05 -6.04 5.45
N GLU C 15 -1.04 -4.84 4.88
CA GLU C 15 -1.41 -4.65 3.48
C GLU C 15 -0.15 -4.58 2.61
N TYR C 16 -0.17 -5.29 1.50
CA TYR C 16 0.92 -5.33 0.54
C TYR C 16 0.40 -4.85 -0.80
N PRO C 17 1.06 -3.89 -1.44
CA PRO C 17 0.58 -3.41 -2.74
C PRO C 17 0.66 -4.49 -3.81
N LEU C 18 -0.34 -4.49 -4.69
CA LEU C 18 -0.37 -5.39 -5.84
C LEU C 18 0.47 -4.78 -6.95
N LEU C 19 1.57 -5.43 -7.27
CA LEU C 19 2.35 -4.81 -8.34
C LEU C 19 2.02 -5.48 -9.67
N PRO C 20 2.03 -4.73 -10.76
CA PRO C 20 1.58 -5.28 -12.04
C PRO C 20 2.67 -6.09 -12.74
N LEU C 21 2.21 -7.09 -13.48
CA LEU C 21 3.03 -7.87 -14.40
C LEU C 21 2.39 -7.69 -15.78
N ASP C 22 2.93 -6.75 -16.58
CA ASP C 22 2.25 -6.35 -17.79
C ASP C 22 2.13 -7.52 -18.77
N GLN C 23 1.31 -7.32 -19.80
CA GLN C 23 0.97 -8.36 -20.76
C GLN C 23 2.15 -8.82 -21.61
N HIS C 24 3.33 -8.21 -21.46
CA HIS C 24 4.51 -8.63 -22.19
C HIS C 24 5.52 -9.37 -21.32
N THR C 25 5.22 -9.59 -20.05
CA THR C 25 6.06 -10.44 -19.21
C THR C 25 6.13 -11.84 -19.81
N PRO C 26 7.32 -12.36 -20.10
CA PRO C 26 7.41 -13.64 -20.80
C PRO C 26 6.93 -14.80 -19.96
N LEU C 27 6.47 -15.84 -20.65
CA LEU C 27 6.18 -17.13 -20.02
C LEU C 27 7.41 -18.03 -20.10
N LEU C 28 7.46 -19.00 -19.20
CA LEU C 28 8.59 -19.92 -19.14
C LEU C 28 8.07 -21.34 -18.97
N PHE C 29 8.41 -22.21 -19.92
CA PHE C 29 8.26 -23.65 -19.78
C PHE C 29 9.64 -24.28 -19.69
N GLN C 30 9.68 -25.47 -19.09
CA GLN C 30 10.94 -26.15 -18.83
C GLN C 30 10.82 -27.61 -19.20
N TRP C 31 11.80 -28.13 -19.92
CA TRP C 31 11.88 -29.56 -20.22
C TRP C 31 13.34 -30.00 -20.18
N PHE C 32 13.71 -30.74 -19.13
CA PHE C 32 15.03 -31.34 -19.00
C PHE C 32 14.88 -32.82 -19.34
N GLU C 33 15.47 -33.23 -20.46
CA GLU C 33 15.27 -34.57 -20.99
C GLU C 33 16.36 -35.52 -20.49
N ARG C 34 15.95 -36.54 -19.74
CA ARG C 34 16.92 -37.51 -19.22
C ARG C 34 17.34 -38.55 -20.25
N ASN C 35 16.47 -38.85 -21.20
CA ASN C 35 16.71 -39.89 -22.20
C ASN C 35 16.36 -39.35 -23.58
N PRO C 36 17.17 -38.44 -24.12
CA PRO C 36 16.81 -37.80 -25.40
C PRO C 36 16.71 -38.78 -26.56
N SER C 37 17.41 -39.91 -26.50
CA SER C 37 17.35 -40.89 -27.59
C SER C 37 15.98 -41.56 -27.71
N ARG C 38 15.10 -41.38 -26.72
CA ARG C 38 13.74 -41.92 -26.84
C ARG C 38 12.97 -41.27 -27.98
N PHE C 39 13.29 -40.02 -28.32
CA PHE C 39 12.62 -39.31 -29.38
C PHE C 39 13.27 -39.61 -30.73
N GLY C 40 12.56 -39.27 -31.80
CA GLY C 40 13.11 -39.44 -33.13
C GLY C 40 14.34 -38.59 -33.37
N GLU C 41 15.14 -39.05 -34.35
CA GLU C 41 16.39 -38.41 -34.76
C GLU C 41 16.18 -36.94 -35.03
N ASN C 42 15.08 -36.62 -35.70
CA ASN C 42 14.73 -35.28 -36.15
C ASN C 42 13.44 -34.82 -35.52
N GLN C 43 13.11 -35.35 -34.34
CA GLN C 43 11.88 -35.03 -33.63
C GLN C 43 12.19 -34.07 -32.49
N ILE C 44 11.28 -33.14 -32.26
CA ILE C 44 11.38 -32.21 -31.13
C ILE C 44 11.45 -33.02 -29.84
N PRO C 45 12.54 -32.94 -29.07
CA PRO C 45 12.72 -33.81 -27.90
C PRO C 45 11.94 -33.36 -26.67
N ILE C 46 10.65 -33.07 -26.86
CA ILE C 46 9.72 -32.74 -25.78
C ILE C 46 8.55 -33.71 -25.87
N ILE C 47 8.19 -34.31 -24.74
CA ILE C 47 7.14 -35.32 -24.71
C ILE C 47 5.84 -34.73 -25.25
N ASN C 48 5.16 -35.47 -26.12
CA ASN C 48 3.92 -35.00 -26.73
C ASN C 48 2.98 -36.18 -27.00
N THR C 49 2.55 -36.85 -25.94
CA THR C 49 1.56 -37.90 -26.00
C THR C 49 0.21 -37.42 -25.47
N GLN C 50 -0.79 -38.29 -25.57
CA GLN C 50 -2.05 -38.10 -24.83
C GLN C 50 -1.87 -37.74 -23.37
N GLN C 51 -1.19 -38.60 -22.62
CA GLN C 51 -1.07 -38.36 -21.20
C GLN C 51 -0.34 -37.06 -20.94
N ASN C 52 0.73 -36.81 -21.70
CA ASN C 52 1.56 -35.62 -21.53
C ASN C 52 1.78 -34.94 -22.88
N PRO C 53 0.80 -34.15 -23.34
CA PRO C 53 0.96 -33.40 -24.60
C PRO C 53 1.66 -32.06 -24.37
N TYR C 54 2.84 -32.13 -23.75
CA TYR C 54 3.50 -30.92 -23.27
C TYR C 54 3.95 -30.03 -24.43
N LEU C 55 4.46 -30.62 -25.51
CA LEU C 55 4.83 -29.82 -26.66
C LEU C 55 3.61 -29.14 -27.27
N ASN C 56 2.48 -29.84 -27.36
CA ASN C 56 1.27 -29.23 -27.88
C ASN C 56 0.73 -28.17 -26.92
N ASN C 57 0.83 -28.42 -25.61
CA ASN C 57 0.38 -27.42 -24.63
C ASN C 57 1.24 -26.17 -24.72
N ILE C 58 2.53 -26.32 -24.99
CA ILE C 58 3.40 -25.15 -25.14
C ILE C 58 3.04 -24.40 -26.42
N ILE C 59 2.85 -25.13 -27.51
CA ILE C 59 2.43 -24.51 -28.77
C ILE C 59 1.10 -23.79 -28.59
N ASN C 60 0.16 -24.42 -27.88
CA ASN C 60 -1.15 -23.82 -27.69
C ASN C 60 -1.05 -22.52 -26.90
N ALA C 61 -0.13 -22.46 -25.93
CA ALA C 61 0.11 -21.22 -25.21
C ALA C 61 0.67 -20.13 -26.12
N ALA C 62 1.54 -20.53 -27.06
CA ALA C 62 2.12 -19.56 -27.98
C ALA C 62 1.07 -18.97 -28.92
N ILE C 63 0.11 -19.80 -29.35
CA ILE C 63 -0.93 -19.31 -30.26
C ILE C 63 -1.85 -18.32 -29.54
N ILE C 64 -2.10 -18.53 -28.25
CA ILE C 64 -2.96 -17.61 -27.52
C ILE C 64 -2.23 -16.31 -27.23
N GLU C 65 -1.00 -16.40 -26.70
CA GLU C 65 -0.18 -15.22 -26.41
C GLU C 65 0.76 -14.98 -27.59
N LYS C 66 0.18 -14.46 -28.67
CA LYS C 66 0.93 -14.29 -29.92
C LYS C 66 2.00 -13.21 -29.79
N GLU C 67 1.73 -12.18 -29.00
CA GLU C 67 2.64 -11.06 -28.84
C GLU C 67 3.57 -11.19 -27.65
N ARG C 68 3.42 -12.24 -26.86
CA ARG C 68 4.18 -12.40 -25.65
C ARG C 68 5.27 -13.45 -25.84
N THR C 69 6.45 -13.15 -25.32
CA THR C 69 7.57 -14.06 -25.46
C THR C 69 7.32 -15.33 -24.65
N ILE C 70 7.55 -16.47 -25.27
CA ILE C 70 7.36 -17.77 -24.64
C ILE C 70 8.73 -18.44 -24.58
N GLY C 71 9.30 -18.51 -23.38
CA GLY C 71 10.58 -19.18 -23.20
C GLY C 71 10.40 -20.66 -22.89
N VAL C 72 11.27 -21.47 -23.48
CA VAL C 72 11.29 -22.91 -23.25
C VAL C 72 12.72 -23.26 -22.87
N LEU C 73 12.98 -23.39 -21.57
CA LEU C 73 14.31 -23.71 -21.07
C LEU C 73 14.51 -25.22 -21.15
N VAL C 74 15.43 -25.67 -22.01
CA VAL C 74 15.65 -27.08 -22.26
C VAL C 74 17.06 -27.45 -21.82
N ASP C 75 17.28 -28.76 -21.68
CA ASP C 75 18.57 -29.31 -21.32
C ASP C 75 18.53 -30.81 -21.54
N GLY C 76 19.66 -31.37 -21.93
CA GLY C 76 19.78 -32.78 -22.21
C GLY C 76 20.76 -33.01 -23.35
N ASN C 77 21.19 -34.26 -23.48
CA ASN C 77 22.17 -34.63 -24.51
C ASN C 77 21.43 -34.85 -25.83
N PHE C 78 20.93 -33.75 -26.38
CA PHE C 78 20.15 -33.81 -27.61
C PHE C 78 21.04 -34.07 -28.81
N SER C 79 20.56 -34.90 -29.73
CA SER C 79 21.26 -35.11 -30.98
C SER C 79 21.22 -33.84 -31.83
N ALA C 80 22.05 -33.82 -32.88
CA ALA C 80 22.11 -32.66 -33.75
C ALA C 80 20.79 -32.46 -34.48
N GLY C 81 20.18 -33.55 -34.95
CA GLY C 81 18.90 -33.44 -35.62
C GLY C 81 17.78 -33.02 -34.69
N GLN C 82 17.90 -33.34 -33.40
CA GLN C 82 16.91 -32.91 -32.43
C GLN C 82 17.05 -31.43 -32.08
N LYS C 83 18.27 -30.90 -32.13
CA LYS C 83 18.48 -29.47 -31.90
C LYS C 83 18.04 -28.64 -33.09
N LYS C 84 18.13 -29.20 -34.30
CA LYS C 84 17.57 -28.53 -35.47
C LYS C 84 16.04 -28.54 -35.45
N ALA C 85 15.45 -29.62 -34.93
CA ALA C 85 14.00 -29.66 -34.76
C ALA C 85 13.54 -28.58 -33.80
N LEU C 86 14.33 -28.31 -32.76
CA LEU C 86 14.00 -27.21 -31.86
C LEU C 86 14.13 -25.85 -32.53
N ALA C 87 15.08 -25.70 -33.47
CA ALA C 87 15.27 -24.42 -34.17
C ALA C 87 14.13 -24.13 -35.16
N LYS C 88 13.68 -25.12 -35.93
CA LYS C 88 12.45 -24.92 -36.70
C LYS C 88 11.24 -24.60 -35.86
N LEU C 89 11.12 -25.18 -34.67
CA LEU C 89 10.02 -24.78 -33.81
C LEU C 89 10.08 -23.29 -33.51
N GLU C 90 11.30 -22.77 -33.28
CA GLU C 90 11.47 -21.33 -33.07
C GLU C 90 11.07 -20.51 -34.29
N LYS C 91 11.18 -21.09 -35.49
CA LYS C 91 10.86 -20.36 -36.70
C LYS C 91 9.36 -20.29 -36.92
N GLN C 92 8.66 -21.43 -36.78
CA GLN C 92 7.22 -21.47 -37.04
C GLN C 92 6.44 -20.63 -36.04
N TYR C 93 6.92 -20.54 -34.80
CA TYR C 93 6.27 -19.74 -33.76
C TYR C 93 7.27 -18.67 -33.32
N GLU C 94 7.06 -17.45 -33.79
CA GLU C 94 8.04 -16.38 -33.57
C GLU C 94 8.25 -16.10 -32.09
N ASN C 95 7.17 -16.15 -31.30
CA ASN C 95 7.25 -15.80 -29.90
C ASN C 95 7.89 -16.89 -29.04
N ILE C 96 8.12 -18.07 -29.59
CA ILE C 96 8.78 -19.15 -28.84
C ILE C 96 10.28 -18.95 -28.91
N LYS C 97 10.93 -18.94 -27.73
CA LYS C 97 12.38 -18.77 -27.63
C LYS C 97 12.95 -19.96 -26.86
N VAL C 98 13.70 -20.81 -27.55
CA VAL C 98 14.33 -21.98 -26.94
C VAL C 98 15.66 -21.56 -26.33
N ILE C 99 15.80 -21.80 -25.03
CA ILE C 99 17.01 -21.43 -24.29
C ILE C 99 17.64 -22.70 -23.73
N TYR C 100 18.89 -22.96 -24.10
CA TYR C 100 19.63 -24.08 -23.56
C TYR C 100 20.23 -23.70 -22.21
N ASN C 101 19.92 -24.50 -21.18
CA ASN C 101 20.37 -24.18 -19.83
C ASN C 101 21.90 -24.08 -19.74
N SER C 102 22.62 -24.85 -20.54
CA SER C 102 24.08 -24.80 -20.51
C SER C 102 24.62 -23.48 -21.06
N ASP C 103 23.82 -22.75 -21.85
CA ASP C 103 24.24 -21.47 -22.40
C ASP C 103 24.11 -20.32 -21.40
N LEU C 104 23.71 -20.58 -20.17
CA LEU C 104 23.54 -19.56 -19.15
C LEU C 104 24.60 -19.72 -18.06
N ASP C 105 24.97 -18.59 -17.46
CA ASP C 105 26.01 -18.55 -16.43
C ASP C 105 25.33 -18.37 -15.07
N TYR C 106 25.40 -19.41 -14.24
CA TYR C 106 24.81 -19.39 -12.91
C TYR C 106 25.83 -19.20 -11.80
N SER C 107 27.10 -18.93 -12.15
CA SER C 107 28.16 -18.88 -11.15
C SER C 107 27.96 -17.77 -10.12
N MET C 108 27.21 -16.72 -10.46
CA MET C 108 26.99 -15.64 -9.52
C MET C 108 26.02 -16.02 -8.40
N TYR C 109 25.33 -17.14 -8.51
CA TYR C 109 24.45 -17.63 -7.45
C TYR C 109 25.03 -18.83 -6.70
N ASP C 110 26.25 -19.24 -7.01
CA ASP C 110 26.81 -20.47 -6.49
C ASP C 110 27.49 -20.25 -5.13
N LYS C 111 27.73 -21.36 -4.44
CA LYS C 111 28.47 -21.37 -3.19
C LYS C 111 29.09 -22.74 -2.99
N LYS C 112 30.27 -22.76 -2.36
CA LYS C 112 30.96 -24.01 -2.09
C LYS C 112 30.32 -24.77 -0.93
N LEU C 113 30.19 -26.09 -1.10
CA LEU C 113 29.57 -26.89 -0.07
C LEU C 113 30.43 -26.91 1.19
N SER C 114 31.76 -26.98 1.02
CA SER C 114 32.66 -26.96 2.17
C SER C 114 32.51 -25.67 2.97
N ASP C 115 32.20 -24.55 2.29
CA ASP C 115 31.91 -23.32 3.02
C ASP C 115 30.61 -23.44 3.79
N ILE C 116 29.59 -24.02 3.16
CA ILE C 116 28.30 -24.20 3.82
C ILE C 116 28.45 -25.14 5.02
N TYR C 117 29.19 -26.24 4.84
CA TYR C 117 29.34 -27.22 5.91
C TYR C 117 30.12 -26.64 7.09
N LEU C 118 31.24 -25.96 6.80
CA LEU C 118 32.05 -25.39 7.88
C LEU C 118 31.30 -24.31 8.64
N GLU C 119 30.57 -23.45 7.93
CA GLU C 119 29.78 -22.42 8.58
C GLU C 119 28.77 -23.03 9.55
N ASN C 120 28.13 -24.13 9.16
CA ASN C 120 27.12 -24.74 10.01
C ASN C 120 27.75 -25.46 11.19
N ILE C 121 28.94 -26.04 11.00
CA ILE C 121 29.64 -26.68 12.11
C ILE C 121 29.97 -25.67 13.19
N ALA C 122 30.46 -24.49 12.79
CA ALA C 122 30.76 -23.44 13.76
C ALA C 122 29.50 -22.93 14.45
N LYS C 123 28.41 -22.76 13.69
CA LYS C 123 27.19 -22.23 14.27
C LYS C 123 26.56 -23.21 15.24
N ILE C 124 26.54 -24.50 14.88
CA ILE C 124 25.94 -25.50 15.77
C ILE C 124 26.82 -25.70 17.01
N GLU C 125 28.14 -25.64 16.85
CA GLU C 125 29.04 -25.81 17.99
C GLU C 125 29.12 -24.56 18.87
N ALA C 126 28.74 -23.40 18.35
CA ALA C 126 28.65 -22.19 19.13
C ALA C 126 27.29 -22.07 19.82
N GLN C 127 26.51 -23.13 19.82
CA GLN C 127 25.22 -23.16 20.48
C GLN C 127 25.39 -23.87 21.81
N PRO C 128 24.59 -23.53 22.82
CA PRO C 128 24.75 -24.22 24.10
C PRO C 128 24.47 -25.71 23.90
N ALA C 129 25.02 -26.62 24.75
CA ALA C 129 24.77 -28.07 24.60
C ALA C 129 23.32 -28.42 24.81
N ASN C 130 22.63 -27.51 25.46
CA ASN C 130 21.20 -27.55 25.68
C ASN C 130 20.37 -27.41 24.40
N VAL C 131 20.86 -26.69 23.37
CA VAL C 131 20.08 -26.60 22.12
C VAL C 131 20.69 -27.37 20.96
N ARG C 132 21.83 -28.05 21.14
CA ARG C 132 22.54 -28.60 19.99
C ARG C 132 21.81 -29.74 19.28
N ASP C 133 21.69 -29.64 17.95
CA ASP C 133 21.19 -30.71 17.08
C ASP C 133 22.36 -31.62 16.73
N GLU C 134 22.65 -32.56 17.64
CA GLU C 134 23.88 -33.35 17.54
C GLU C 134 23.86 -34.33 16.37
N TYR C 135 22.69 -34.79 15.92
CA TYR C 135 22.67 -35.70 14.78
C TYR C 135 23.02 -34.95 13.50
N LEU C 136 22.52 -33.73 13.34
CA LEU C 136 22.84 -32.93 12.15
C LEU C 136 24.33 -32.62 12.09
N LEU C 137 24.93 -32.27 13.23
CA LEU C 137 26.36 -32.01 13.30
C LEU C 137 27.17 -33.18 12.75
N GLY C 138 26.84 -34.39 13.17
CA GLY C 138 27.59 -35.56 12.71
C GLY C 138 27.45 -35.80 11.23
N GLU C 139 26.27 -35.54 10.68
CA GLU C 139 26.07 -35.72 9.24
C GLU C 139 26.77 -34.64 8.44
N ILE C 140 26.82 -33.41 8.96
CA ILE C 140 27.48 -32.33 8.25
C ILE C 140 28.98 -32.53 8.22
N LYS C 141 29.56 -32.95 9.34
CA LYS C 141 30.99 -33.24 9.37
C LYS C 141 31.34 -34.41 8.45
N LYS C 142 30.44 -35.39 8.36
CA LYS C 142 30.67 -36.52 7.47
C LYS C 142 30.48 -36.15 6.00
N SER C 143 29.57 -35.21 5.71
CA SER C 143 29.44 -34.72 4.35
C SER C 143 30.65 -33.88 3.95
N LEU C 144 31.16 -33.06 4.86
CA LEU C 144 32.37 -32.29 4.59
C LEU C 144 33.55 -33.22 4.35
N ASN C 145 33.66 -34.30 5.13
CA ASN C 145 34.75 -35.25 4.95
C ASN C 145 34.74 -35.87 3.55
N GLU C 146 33.54 -36.20 3.03
CA GLU C 146 33.47 -36.78 1.70
C GLU C 146 33.84 -35.76 0.63
N VAL C 147 33.49 -34.49 0.85
CA VAL C 147 33.79 -33.45 -0.13
C VAL C 147 35.30 -33.23 -0.21
N LEU C 148 35.95 -33.04 0.93
CA LEU C 148 37.39 -32.82 0.95
C LEU C 148 38.15 -34.00 0.38
N LYS C 149 37.59 -35.22 0.50
CA LYS C 149 38.28 -36.40 0.02
C LYS C 149 38.11 -36.59 -1.49
N ASN C 150 36.93 -36.29 -2.02
CA ASN C 150 36.57 -36.64 -3.39
C ASN C 150 36.44 -35.45 -4.33
N ASN C 151 35.77 -34.38 -3.90
CA ASN C 151 35.55 -33.20 -4.75
C ASN C 151 35.62 -31.96 -3.89
N PRO C 152 36.83 -31.51 -3.53
CA PRO C 152 36.95 -30.40 -2.57
C PRO C 152 36.35 -29.09 -3.06
N GLU C 153 36.13 -28.93 -4.36
CA GLU C 153 35.54 -27.72 -4.92
C GLU C 153 34.07 -27.91 -5.28
N GLU C 154 33.43 -28.95 -4.73
CA GLU C 154 32.00 -29.17 -4.99
C GLU C 154 31.19 -27.97 -4.53
N SER C 155 30.26 -27.54 -5.37
CA SER C 155 29.43 -26.37 -5.11
C SER C 155 27.96 -26.74 -5.25
N LEU C 156 27.09 -25.80 -4.86
CA LEU C 156 25.66 -26.01 -5.00
C LEU C 156 25.27 -26.31 -6.45
N VAL C 157 25.89 -25.62 -7.40
CA VAL C 157 25.56 -25.82 -8.81
C VAL C 157 26.09 -27.17 -9.29
N SER C 158 27.38 -27.43 -9.05
CA SER C 158 27.99 -28.67 -9.52
C SER C 158 27.37 -29.89 -8.83
N SER C 159 26.98 -29.77 -7.56
CA SER C 159 26.34 -30.89 -6.87
C SER C 159 24.96 -31.17 -7.45
N HIS C 160 24.14 -30.12 -7.61
CA HIS C 160 22.83 -30.30 -8.21
C HIS C 160 22.92 -30.75 -9.66
N ASP C 161 24.00 -30.37 -10.35
CA ASP C 161 24.20 -30.78 -11.74
C ASP C 161 24.37 -32.28 -11.89
N LYS C 162 24.72 -32.99 -10.81
CA LYS C 162 24.92 -34.42 -10.86
C LYS C 162 23.69 -35.22 -10.47
N ARG C 163 22.67 -34.55 -9.91
CA ARG C 163 21.51 -35.23 -9.37
C ARG C 163 20.53 -35.67 -10.45
N LEU C 164 19.77 -36.72 -10.12
CA LEU C 164 18.71 -37.25 -10.95
C LEU C 164 17.36 -36.76 -10.43
N GLY C 165 16.56 -36.17 -11.30
CA GLY C 165 15.19 -35.94 -10.89
C GLY C 165 14.79 -34.48 -10.86
N HIS C 166 13.65 -34.24 -10.23
CA HIS C 166 13.08 -32.91 -10.11
C HIS C 166 14.00 -31.98 -9.32
N VAL C 167 14.82 -32.52 -8.42
CA VAL C 167 15.71 -31.68 -7.62
C VAL C 167 16.62 -30.86 -8.53
N ARG C 168 16.94 -31.39 -9.72
CA ARG C 168 17.75 -30.63 -10.66
C ARG C 168 16.91 -29.64 -11.46
N PHE C 169 15.67 -30.02 -11.82
CA PHE C 169 14.79 -29.08 -12.51
C PHE C 169 14.47 -27.90 -11.61
N ASP C 170 14.06 -28.17 -10.37
CA ASP C 170 13.68 -27.11 -9.45
C ASP C 170 14.85 -26.18 -9.14
N PHE C 171 16.07 -26.71 -9.11
CA PHE C 171 17.23 -25.89 -8.77
C PHE C 171 17.47 -24.81 -9.82
N TYR C 172 17.60 -25.21 -11.09
CA TYR C 172 17.83 -24.24 -12.15
C TYR C 172 16.59 -23.40 -12.45
N ARG C 173 15.40 -23.89 -12.10
CA ARG C 173 14.19 -23.10 -12.32
C ARG C 173 14.20 -21.82 -11.48
N ASN C 174 14.60 -21.93 -10.21
CA ASN C 174 14.65 -20.75 -9.35
C ASN C 174 15.73 -19.78 -9.81
N LEU C 175 16.86 -20.31 -10.28
CA LEU C 175 17.95 -19.44 -10.72
C LEU C 175 17.60 -18.71 -12.00
N PHE C 176 16.92 -19.39 -12.94
CA PHE C 176 16.44 -18.71 -14.13
C PHE C 176 15.49 -17.58 -13.77
N LEU C 177 14.56 -17.84 -12.85
CA LEU C 177 13.62 -16.81 -12.43
C LEU C 177 14.32 -15.67 -11.71
N LEU C 178 15.45 -15.96 -11.04
CA LEU C 178 16.26 -14.89 -10.48
C LEU C 178 16.81 -14.00 -11.59
N LYS C 179 17.24 -14.58 -12.70
CA LYS C 179 17.64 -13.79 -13.85
C LYS C 179 16.43 -13.07 -14.46
N GLY C 180 15.28 -13.73 -14.47
CA GLY C 180 14.08 -13.10 -15.00
C GLY C 180 14.16 -12.89 -16.50
N SER C 181 13.66 -11.74 -16.94
CA SER C 181 13.71 -11.39 -18.36
C SER C 181 15.14 -11.33 -18.88
N ASN C 182 16.11 -11.00 -18.00
CA ASN C 182 17.50 -10.90 -18.42
C ASN C 182 18.02 -12.21 -19.01
N ALA C 183 17.48 -13.35 -18.58
CA ALA C 183 17.95 -14.63 -19.09
C ALA C 183 17.74 -14.76 -20.59
N PHE C 184 16.68 -14.14 -21.12
CA PHE C 184 16.47 -14.15 -22.57
C PHE C 184 17.53 -13.31 -23.28
N LEU C 185 17.92 -12.18 -22.69
CA LEU C 185 18.96 -11.36 -23.28
C LEU C 185 20.34 -11.99 -23.14
N GLU C 186 20.57 -12.69 -22.02
CA GLU C 186 21.83 -13.41 -21.85
C GLU C 186 21.98 -14.53 -22.87
N ALA C 187 20.90 -15.27 -23.12
CA ALA C 187 20.91 -16.35 -24.11
C ALA C 187 20.93 -15.85 -25.55
N GLY C 188 20.86 -14.54 -25.77
CA GLY C 188 20.90 -14.01 -27.12
C GLY C 188 19.68 -14.30 -27.95
N LYS C 189 18.49 -14.26 -27.34
CA LYS C 189 17.24 -14.48 -28.07
C LYS C 189 16.78 -13.15 -28.64
N HIS C 190 16.62 -13.11 -29.96
CA HIS C 190 16.33 -11.86 -30.67
C HIS C 190 14.82 -11.67 -30.85
N GLY C 191 14.45 -10.43 -31.14
CA GLY C 191 13.07 -10.10 -31.47
C GLY C 191 12.07 -10.30 -30.35
N CYS C 192 12.48 -10.09 -29.10
CA CYS C 192 11.53 -10.12 -28.00
C CYS C 192 10.78 -8.80 -27.85
N HIS C 193 11.31 -7.73 -28.44
CA HIS C 193 10.60 -6.46 -28.62
C HIS C 193 10.22 -5.78 -27.31
N HIS C 194 9.19 -6.26 -26.62
CA HIS C 194 8.67 -5.58 -25.45
C HIS C 194 9.27 -6.10 -24.14
N LEU C 195 10.35 -6.88 -24.22
CA LEU C 195 11.03 -7.38 -23.02
C LEU C 195 11.90 -6.27 -22.44
N GLN C 196 11.72 -6.00 -21.16
CA GLN C 196 12.57 -4.98 -20.57
C GLN C 196 13.67 -5.62 -19.73
N PRO C 197 14.87 -5.06 -19.76
CA PRO C 197 15.93 -5.55 -18.86
C PRO C 197 15.54 -5.35 -17.41
N GLY C 198 15.84 -6.37 -16.60
CA GLY C 198 15.40 -6.36 -15.22
C GLY C 198 13.95 -6.73 -15.03
N GLY C 199 13.28 -7.25 -16.07
CA GLY C 199 11.88 -7.58 -15.98
C GLY C 199 11.65 -8.97 -15.41
N GLY C 200 10.37 -9.26 -15.18
CA GLY C 200 9.96 -10.48 -14.54
C GLY C 200 9.81 -11.65 -15.49
N CYS C 201 9.08 -12.67 -15.01
CA CYS C 201 8.88 -13.91 -15.75
C CYS C 201 7.79 -14.70 -15.02
N ILE C 202 7.06 -15.51 -15.79
CA ILE C 202 5.97 -16.33 -15.26
C ILE C 202 6.27 -17.76 -15.70
N TYR C 203 6.76 -18.58 -14.77
CA TYR C 203 6.97 -19.99 -15.08
C TYR C 203 5.67 -20.77 -14.92
N LEU C 204 5.44 -21.71 -15.83
CA LEU C 204 4.31 -22.62 -15.75
C LEU C 204 4.79 -24.03 -16.03
N ASP C 205 4.24 -24.98 -15.27
CA ASP C 205 4.46 -26.39 -15.59
C ASP C 205 3.83 -26.70 -16.95
N ALA C 206 4.45 -27.62 -17.68
CA ALA C 206 4.00 -27.93 -19.03
C ALA C 206 2.61 -28.53 -19.07
N ASP C 207 2.06 -28.98 -17.93
CA ASP C 207 0.71 -29.52 -17.86
C ASP C 207 -0.33 -28.48 -17.45
N MET C 208 0.06 -27.22 -17.32
CA MET C 208 -0.88 -26.12 -17.04
C MET C 208 -1.39 -25.61 -18.38
N LEU C 209 -2.69 -25.79 -18.67
CA LEU C 209 -3.14 -25.42 -20.00
C LEU C 209 -3.66 -23.99 -20.00
N LEU C 210 -3.21 -23.21 -20.97
CA LEU C 210 -3.73 -21.87 -21.19
C LEU C 210 -4.94 -21.98 -22.11
N THR C 211 -6.05 -21.38 -21.70
CA THR C 211 -7.28 -21.37 -22.49
C THR C 211 -7.64 -19.99 -23.00
N GLY C 212 -7.03 -18.94 -22.44
CA GLY C 212 -7.22 -17.58 -22.90
C GLY C 212 -6.00 -16.76 -22.55
N LYS C 213 -6.04 -15.48 -22.93
CA LYS C 213 -4.91 -14.60 -22.66
C LYS C 213 -4.88 -14.23 -21.18
N LEU C 214 -3.67 -14.06 -20.66
CA LEU C 214 -3.51 -13.76 -19.24
C LEU C 214 -3.67 -12.27 -18.95
N GLY C 215 -3.41 -11.42 -19.93
CA GLY C 215 -3.50 -9.99 -19.70
C GLY C 215 -2.45 -9.53 -18.71
N THR C 216 -2.83 -8.55 -17.89
CA THR C 216 -1.93 -7.98 -16.89
C THR C 216 -2.28 -8.54 -15.53
N LEU C 217 -1.30 -9.14 -14.87
CA LEU C 217 -1.51 -9.69 -13.54
C LEU C 217 -1.15 -8.67 -12.48
N TYR C 218 -1.75 -8.84 -11.30
CA TYR C 218 -1.47 -8.01 -10.14
C TYR C 218 -1.23 -8.95 -8.96
N LEU C 219 0.02 -9.04 -8.52
CA LEU C 219 0.43 -9.97 -7.47
C LEU C 219 1.01 -9.21 -6.28
N PRO C 220 0.84 -9.72 -5.07
CA PRO C 220 1.37 -9.02 -3.88
C PRO C 220 2.89 -8.90 -3.95
N ASP C 221 3.35 -7.65 -4.02
CA ASP C 221 4.77 -7.34 -4.25
C ASP C 221 5.32 -8.01 -5.49
N GLY C 222 4.44 -8.29 -6.46
CA GLY C 222 4.88 -8.83 -7.73
C GLY C 222 5.35 -10.27 -7.68
N ILE C 223 4.79 -11.09 -6.79
CA ILE C 223 5.14 -12.50 -6.73
C ILE C 223 3.91 -13.29 -6.33
N ALA C 224 3.74 -14.46 -6.96
CA ALA C 224 2.69 -15.40 -6.61
C ALA C 224 3.11 -16.76 -7.12
N VAL C 225 2.65 -17.80 -6.43
CA VAL C 225 2.99 -19.18 -6.78
C VAL C 225 1.73 -20.03 -6.79
N HIS C 226 1.84 -21.20 -7.40
CA HIS C 226 0.75 -22.15 -7.44
C HIS C 226 0.45 -22.67 -6.04
N VAL C 227 -0.84 -22.79 -5.72
CA VAL C 227 -1.29 -23.41 -4.49
C VAL C 227 -2.10 -24.63 -4.87
N SER C 228 -1.57 -25.81 -4.56
CA SER C 228 -2.20 -27.06 -4.93
C SER C 228 -3.18 -27.50 -3.84
N ARG C 229 -4.35 -27.96 -4.26
CA ARG C 229 -5.39 -28.41 -3.32
C ARG C 229 -5.69 -29.88 -3.59
N LYS C 230 -5.42 -30.70 -2.57
CA LYS C 230 -5.51 -32.14 -2.65
C LYS C 230 -6.30 -32.67 -1.47
N GLY C 231 -7.33 -33.46 -1.79
CA GLY C 231 -8.27 -33.86 -0.76
C GLY C 231 -8.82 -32.61 -0.10
N ASN C 232 -8.52 -32.49 1.19
CA ASN C 232 -8.84 -31.30 1.96
C ASN C 232 -7.59 -30.52 2.36
N SER C 233 -6.45 -30.82 1.75
CA SER C 233 -5.18 -30.18 2.08
C SER C 233 -4.78 -29.19 0.99
N MET C 234 -3.96 -28.22 1.38
CA MET C 234 -3.37 -27.26 0.45
C MET C 234 -1.89 -27.11 0.75
N SER C 235 -1.14 -26.68 -0.27
CA SER C 235 0.31 -26.60 -0.14
C SER C 235 0.88 -25.64 -1.18
N LEU C 236 1.87 -24.85 -0.77
CA LEU C 236 2.64 -24.08 -1.73
C LEU C 236 3.41 -25.02 -2.65
N GLU C 237 3.39 -24.72 -3.95
CA GLU C 237 4.10 -25.53 -4.93
C GLU C 237 4.75 -24.61 -5.95
N ASN C 238 5.71 -25.17 -6.70
CA ASN C 238 6.46 -24.44 -7.70
C ASN C 238 6.00 -24.76 -9.12
N GLY C 239 4.80 -25.31 -9.28
CA GLY C 239 4.27 -25.52 -10.61
C GLY C 239 3.93 -24.24 -11.35
N ILE C 240 3.71 -23.15 -10.62
CA ILE C 240 3.61 -21.81 -11.19
C ILE C 240 4.41 -20.88 -10.29
N ILE C 241 5.32 -20.10 -10.89
CA ILE C 241 6.05 -19.06 -10.19
C ILE C 241 6.04 -17.82 -11.08
N ALA C 242 5.46 -16.74 -10.59
CA ALA C 242 5.36 -15.49 -11.33
C ALA C 242 6.07 -14.39 -10.54
N VAL C 243 6.96 -13.67 -11.21
CA VAL C 243 7.70 -12.57 -10.61
C VAL C 243 7.62 -11.37 -11.56
N ASN C 244 7.53 -10.18 -10.97
CA ASN C 244 7.44 -8.95 -11.76
C ASN C 244 8.80 -8.32 -12.05
N ARG C 245 9.87 -8.82 -11.45
CA ARG C 245 11.19 -8.23 -11.65
C ARG C 245 12.24 -9.30 -11.41
N SER C 246 13.43 -9.04 -11.96
CA SER C 246 14.56 -9.93 -11.75
C SER C 246 15.09 -9.79 -10.31
N GLU C 247 15.75 -10.84 -9.84
CA GLU C 247 16.32 -10.89 -8.49
C GLU C 247 15.28 -10.52 -7.44
N HIS C 248 14.11 -11.14 -7.55
CA HIS C 248 13.04 -10.87 -6.59
C HIS C 248 13.51 -11.23 -5.19
N PRO C 249 13.34 -10.34 -4.21
CA PRO C 249 13.87 -10.61 -2.86
C PRO C 249 13.29 -11.86 -2.22
N ALA C 250 12.07 -12.26 -2.58
CA ALA C 250 11.53 -13.51 -2.06
C ALA C 250 12.33 -14.69 -2.58
N LEU C 251 12.72 -14.64 -3.85
CA LEU C 251 13.59 -15.68 -4.38
C LEU C 251 15.04 -15.52 -3.89
N LYS C 252 15.52 -14.28 -3.59
CA LYS C 252 16.84 -14.19 -2.93
C LYS C 252 16.82 -14.83 -1.54
N LYS C 253 15.75 -14.63 -0.77
CA LYS C 253 15.71 -15.23 0.55
C LYS C 253 15.74 -16.74 0.46
N GLY C 254 15.06 -17.31 -0.54
CA GLY C 254 15.13 -18.74 -0.77
C GLY C 254 16.54 -19.21 -1.13
N LEU C 255 17.22 -18.47 -2.01
CA LEU C 255 18.61 -18.81 -2.33
C LEU C 255 19.53 -18.54 -1.14
N GLU C 256 19.24 -17.50 -0.37
CA GLU C 256 20.01 -17.23 0.84
C GLU C 256 19.82 -18.35 1.86
N ILE C 257 18.62 -18.92 1.93
CA ILE C 257 18.38 -20.06 2.81
C ILE C 257 19.19 -21.27 2.33
N MET C 258 19.29 -21.45 1.02
CA MET C 258 20.08 -22.57 0.48
C MET C 258 21.57 -22.34 0.62
N HIS C 259 22.01 -21.09 0.79
CA HIS C 259 23.42 -20.80 1.03
C HIS C 259 23.82 -21.02 2.49
N SER C 260 22.85 -21.07 3.41
CA SER C 260 23.13 -21.23 4.83
C SER C 260 22.74 -22.59 5.38
N LYS C 261 21.88 -23.33 4.70
CA LYS C 261 21.48 -24.65 5.16
C LYS C 261 22.35 -25.74 4.53
N PRO C 262 22.76 -26.73 5.31
CA PRO C 262 23.65 -27.77 4.76
C PRO C 262 23.03 -28.60 3.66
N TYR C 263 21.72 -28.86 3.71
CA TYR C 263 21.03 -29.69 2.73
C TYR C 263 19.75 -29.00 2.25
N GLY C 264 19.87 -27.76 1.81
CA GLY C 264 18.71 -27.01 1.37
C GLY C 264 18.10 -27.61 0.12
N ASP C 265 16.77 -27.61 0.08
CA ASP C 265 16.01 -28.12 -1.07
C ASP C 265 15.54 -26.96 -1.94
N PRO C 266 15.71 -27.05 -3.27
CA PRO C 266 15.27 -25.94 -4.13
C PRO C 266 13.78 -25.65 -4.04
N TYR C 267 12.96 -26.67 -3.79
CA TYR C 267 11.52 -26.46 -3.67
C TYR C 267 11.13 -26.02 -2.27
N ILE C 268 11.52 -26.80 -1.26
CA ILE C 268 11.09 -26.53 0.11
C ILE C 268 11.72 -25.23 0.62
N ASP C 269 12.99 -25.01 0.32
CA ASP C 269 13.70 -23.84 0.83
C ASP C 269 13.78 -22.70 -0.18
N GLY C 270 14.13 -23.00 -1.43
CA GLY C 270 14.29 -21.95 -2.43
C GLY C 270 13.00 -21.24 -2.77
N VAL C 271 11.87 -21.93 -2.64
CA VAL C 271 10.58 -21.35 -3.00
C VAL C 271 9.73 -21.15 -1.75
N CYS C 272 9.35 -22.26 -1.10
CA CYS C 272 8.45 -22.16 0.05
C CYS C 272 9.13 -21.43 1.22
N GLY C 273 10.40 -21.74 1.49
CA GLY C 273 11.08 -21.07 2.57
C GLY C 273 11.30 -19.59 2.31
N GLY C 274 11.65 -19.24 1.06
CA GLY C 274 11.82 -17.84 0.73
C GLY C 274 10.54 -17.04 0.85
N LEU C 275 9.43 -17.61 0.39
CA LEU C 275 8.15 -16.91 0.45
C LEU C 275 7.71 -16.70 1.89
N ARG C 276 7.81 -17.75 2.72
CA ARG C 276 7.36 -17.65 4.10
C ARG C 276 8.26 -16.73 4.92
N HIS C 277 9.56 -16.71 4.61
CA HIS C 277 10.46 -15.78 5.27
C HIS C 277 10.18 -14.34 4.83
N TYR C 278 10.00 -14.14 3.53
CA TYR C 278 9.77 -12.80 2.99
C TYR C 278 8.49 -12.18 3.55
N PHE C 279 7.38 -12.92 3.49
CA PHE C 279 6.08 -12.43 3.93
C PHE C 279 5.80 -12.72 5.40
N ASN C 280 6.75 -13.30 6.12
CA ASN C 280 6.61 -13.58 7.55
C ASN C 280 5.41 -14.48 7.82
N CYS C 281 5.35 -15.61 7.13
CA CYS C 281 4.38 -16.65 7.44
C CYS C 281 5.09 -17.67 8.32
N SER C 282 5.16 -17.36 9.61
CA SER C 282 5.89 -18.19 10.56
C SER C 282 5.00 -19.35 11.00
N ILE C 283 5.46 -20.09 12.01
CA ILE C 283 4.65 -21.17 12.59
C ILE C 283 3.45 -20.64 13.35
N ARG C 284 3.53 -19.42 13.87
CA ARG C 284 2.44 -18.83 14.62
C ARG C 284 1.35 -18.27 13.69
N HIS C 285 1.62 -18.21 12.39
CA HIS C 285 0.71 -17.61 11.44
C HIS C 285 -0.14 -18.67 10.75
N ASN C 286 -1.17 -18.20 10.06
CA ASN C 286 -2.14 -19.08 9.40
C ASN C 286 -1.60 -19.49 8.04
N TYR C 287 -1.20 -20.77 7.91
CA TYR C 287 -0.72 -21.28 6.63
C TYR C 287 -1.84 -21.25 5.58
N GLU C 288 -3.07 -21.51 6.01
CA GLU C 288 -4.20 -21.49 5.07
C GLU C 288 -4.47 -20.07 4.57
N GLU C 289 -4.36 -19.08 5.45
CA GLU C 289 -4.52 -17.68 5.03
C GLU C 289 -3.39 -17.27 4.09
N PHE C 290 -2.17 -17.70 4.37
CA PHE C 290 -1.03 -17.35 3.52
C PHE C 290 -1.18 -17.95 2.13
N CYS C 291 -1.71 -19.17 2.05
CA CYS C 291 -1.90 -19.80 0.75
C CYS C 291 -2.89 -19.00 -0.11
N ASN C 292 -4.00 -18.56 0.50
CA ASN C 292 -4.96 -17.74 -0.22
C ASN C 292 -4.37 -16.40 -0.63
N PHE C 293 -3.45 -15.86 0.17
CA PHE C 293 -2.88 -14.54 -0.10
C PHE C 293 -1.86 -14.58 -1.23
N ILE C 294 -1.08 -15.66 -1.33
CA ILE C 294 0.01 -15.75 -2.29
C ILE C 294 -0.37 -16.57 -3.53
N GLU C 295 -1.57 -17.14 -3.57
CA GLU C 295 -1.94 -18.04 -4.65
C GLU C 295 -2.00 -17.31 -5.99
N PHE C 296 -1.48 -17.97 -7.03
CA PHE C 296 -1.61 -17.49 -8.40
C PHE C 296 -2.98 -17.90 -8.93
N LYS C 297 -3.86 -16.93 -9.17
CA LYS C 297 -5.22 -17.18 -9.62
C LYS C 297 -5.41 -16.61 -11.01
N HIS C 298 -5.93 -17.43 -11.93
CA HIS C 298 -6.31 -16.95 -13.25
C HIS C 298 -7.32 -17.91 -13.86
N GLU C 299 -8.43 -17.36 -14.36
CA GLU C 299 -9.49 -18.18 -14.94
C GLU C 299 -9.04 -18.89 -16.21
N HIS C 300 -8.07 -18.32 -16.92
CA HIS C 300 -7.65 -18.83 -18.23
C HIS C 300 -6.56 -19.89 -18.14
N ILE C 301 -6.32 -20.47 -16.97
CA ILE C 301 -5.35 -21.55 -16.81
C ILE C 301 -6.07 -22.77 -16.24
N PHE C 302 -6.03 -23.88 -16.98
CA PHE C 302 -6.53 -25.16 -16.49
C PHE C 302 -5.35 -25.86 -15.82
N MET C 303 -5.27 -25.75 -14.49
CA MET C 303 -4.08 -26.14 -13.76
C MET C 303 -3.97 -27.64 -13.58
N ASP C 304 -2.73 -28.12 -13.51
CA ASP C 304 -2.37 -29.50 -13.18
C ASP C 304 -3.24 -30.55 -13.85
N THR C 305 -3.15 -30.67 -15.16
CA THR C 305 -3.93 -31.66 -15.90
C THR C 305 -3.24 -33.03 -15.95
N SER C 306 -2.06 -33.17 -15.33
CA SER C 306 -1.46 -34.49 -15.25
C SER C 306 -2.01 -35.30 -14.07
N SER C 307 -2.74 -34.66 -13.17
CA SER C 307 -3.52 -35.34 -12.15
C SER C 307 -4.96 -35.54 -12.61
N LEU C 308 -5.13 -35.80 -13.90
CA LEU C 308 -6.43 -35.95 -14.52
C LEU C 308 -6.44 -37.24 -15.34
N SER D 5 -21.52 -28.30 32.20
CA SER D 5 -21.59 -27.37 31.07
C SER D 5 -23.04 -27.00 30.75
N SER D 6 -23.27 -26.49 29.55
CA SER D 6 -24.61 -26.12 29.11
C SER D 6 -24.69 -26.06 27.59
N GLY D 7 -25.22 -24.97 27.06
CA GLY D 7 -25.42 -24.85 25.63
C GLY D 7 -24.18 -24.45 24.85
N SER D 8 -24.36 -23.65 23.81
CA SER D 8 -23.24 -23.24 22.97
C SER D 8 -23.48 -21.85 22.42
N ALA D 9 -22.38 -21.21 22.00
CA ALA D 9 -22.41 -19.91 21.35
C ALA D 9 -21.59 -19.99 20.08
N ASN D 10 -22.03 -19.30 19.04
CA ASN D 10 -21.41 -19.41 17.72
C ASN D 10 -20.73 -18.11 17.35
N PHE D 11 -19.47 -18.21 16.92
CA PHE D 11 -18.75 -17.09 16.31
C PHE D 11 -18.01 -17.60 15.08
N ALA D 12 -18.32 -17.01 13.93
CA ALA D 12 -17.72 -17.37 12.64
C ALA D 12 -18.10 -18.82 12.34
N GLY D 13 -17.16 -19.69 12.01
CA GLY D 13 -17.50 -21.06 11.69
C GLY D 13 -17.10 -22.06 12.75
N VAL D 14 -16.83 -21.57 13.96
CA VAL D 14 -16.49 -22.41 15.09
C VAL D 14 -17.51 -22.19 16.20
N GLU D 15 -18.01 -23.28 16.77
CA GLU D 15 -18.98 -23.22 17.86
C GLU D 15 -18.24 -23.45 19.17
N TYR D 16 -18.57 -22.65 20.18
CA TYR D 16 -17.90 -22.74 21.46
C TYR D 16 -18.90 -23.11 22.55
N PRO D 17 -18.63 -24.14 23.34
CA PRO D 17 -19.54 -24.51 24.42
C PRO D 17 -19.60 -23.45 25.50
N LEU D 18 -20.78 -23.28 26.08
CA LEU D 18 -20.95 -22.37 27.21
C LEU D 18 -20.51 -23.09 28.48
N LEU D 19 -19.41 -22.64 29.07
CA LEU D 19 -18.88 -23.28 30.26
C LEU D 19 -19.33 -22.54 31.51
N PRO D 20 -19.59 -23.25 32.60
CA PRO D 20 -20.13 -22.62 33.80
C PRO D 20 -19.05 -21.97 34.66
N LEU D 21 -19.44 -20.88 35.32
CA LEU D 21 -18.65 -20.24 36.36
C LEU D 21 -19.53 -20.27 37.61
N ASP D 22 -19.33 -21.27 38.46
CA ASP D 22 -20.25 -21.52 39.55
C ASP D 22 -20.25 -20.36 40.55
N GLN D 23 -21.23 -20.39 41.46
CA GLN D 23 -21.46 -19.31 42.40
C GLN D 23 -20.33 -19.11 43.40
N HIS D 24 -19.29 -19.95 43.36
CA HIS D 24 -18.14 -19.79 44.25
C HIS D 24 -16.92 -19.23 43.54
N THR D 25 -17.01 -18.94 42.25
CA THR D 25 -15.95 -18.24 41.55
C THR D 25 -15.70 -16.89 42.20
N PRO D 26 -14.48 -16.58 42.64
CA PRO D 26 -14.25 -15.34 43.37
C PRO D 26 -14.41 -14.11 42.50
N LEU D 27 -14.77 -13.00 43.15
CA LEU D 27 -14.76 -11.70 42.52
C LEU D 27 -13.41 -11.02 42.77
N LEU D 28 -13.07 -10.07 41.90
CA LEU D 28 -11.81 -9.36 42.01
C LEU D 28 -12.05 -7.86 41.79
N PHE D 29 -11.72 -7.06 42.80
CA PHE D 29 -11.62 -5.62 42.66
C PHE D 29 -10.15 -5.22 42.74
N GLN D 30 -9.84 -4.06 42.17
CA GLN D 30 -8.46 -3.60 42.12
C GLN D 30 -8.40 -2.12 42.48
N TRP D 31 -7.47 -1.77 43.35
CA TRP D 31 -7.19 -0.37 43.67
C TRP D 31 -5.69 -0.22 43.87
N PHE D 32 -5.02 0.43 42.91
CA PHE D 32 -3.61 0.74 43.00
C PHE D 32 -3.48 2.22 43.38
N GLU D 33 -2.99 2.48 44.58
CA GLU D 33 -2.96 3.83 45.14
C GLU D 33 -1.60 4.45 44.86
N ARG D 34 -1.59 5.51 44.04
CA ARG D 34 -0.35 6.22 43.74
C ARG D 34 0.03 7.23 44.81
N ASN D 35 -0.96 7.76 45.54
CA ASN D 35 -0.74 8.81 46.53
C ASN D 35 -1.42 8.43 47.84
N PRO D 36 -0.88 7.45 48.56
CA PRO D 36 -1.54 6.98 49.78
C PRO D 36 -1.67 8.04 50.86
N SER D 37 -0.81 9.05 50.88
CA SER D 37 -0.90 10.11 51.87
C SER D 37 -2.17 10.93 51.71
N ARG D 38 -2.91 10.75 50.60
CA ARG D 38 -4.19 11.42 50.42
C ARG D 38 -5.19 11.02 51.49
N PHE D 39 -5.13 9.77 51.94
CA PHE D 39 -6.03 9.28 52.98
C PHE D 39 -5.42 9.46 54.36
N GLY D 40 -6.27 9.33 55.37
CA GLY D 40 -5.78 9.37 56.74
C GLY D 40 -4.85 8.21 57.03
N GLU D 41 -3.95 8.43 58.00
CA GLU D 41 -2.96 7.42 58.35
C GLU D 41 -3.60 6.10 58.75
N ASN D 42 -4.80 6.15 59.34
CA ASN D 42 -5.52 4.96 59.78
C ASN D 42 -6.81 4.78 59.00
N GLN D 43 -6.85 5.28 57.78
CA GLN D 43 -8.02 5.19 56.90
C GLN D 43 -7.78 4.11 55.86
N ILE D 44 -8.84 3.39 55.52
CA ILE D 44 -8.76 2.40 54.44
C ILE D 44 -8.37 3.16 53.17
N PRO D 45 -7.21 2.89 52.58
CA PRO D 45 -6.70 3.69 51.47
C PRO D 45 -7.33 3.37 50.12
N ILE D 46 -8.66 3.31 50.11
CA ILE D 46 -9.44 3.14 48.88
C ILE D 46 -10.42 4.30 48.80
N ILE D 47 -10.49 4.94 47.63
CA ILE D 47 -11.32 6.13 47.48
C ILE D 47 -12.76 5.80 47.82
N ASN D 48 -13.40 6.66 48.59
CA ASN D 48 -14.77 6.47 49.02
C ASN D 48 -15.45 7.83 49.14
N THR D 49 -15.57 8.52 48.02
CA THR D 49 -16.31 9.78 47.93
C THR D 49 -17.67 9.53 47.30
N GLN D 50 -18.51 10.56 47.31
CA GLN D 50 -19.79 10.47 46.62
C GLN D 50 -19.64 10.03 45.18
N GLN D 51 -18.79 10.75 44.44
CA GLN D 51 -18.57 10.44 43.03
C GLN D 51 -17.95 9.07 42.82
N ASN D 52 -16.98 8.69 43.66
CA ASN D 52 -16.30 7.41 43.55
C ASN D 52 -16.41 6.70 44.89
N PRO D 53 -17.57 6.10 45.18
CA PRO D 53 -17.73 5.33 46.43
C PRO D 53 -17.26 3.88 46.26
N TYR D 54 -16.01 3.74 45.83
CA TYR D 54 -15.51 2.42 45.44
C TYR D 54 -15.42 1.47 46.62
N LEU D 55 -14.98 1.97 47.78
CA LEU D 55 -14.97 1.13 48.97
C LEU D 55 -16.37 0.67 49.34
N ASN D 56 -17.36 1.58 49.22
CA ASN D 56 -18.73 1.19 49.48
C ASN D 56 -19.24 0.19 48.46
N ASN D 57 -18.86 0.37 47.19
CA ASN D 57 -19.27 -0.58 46.16
C ASN D 57 -18.66 -1.95 46.40
N ILE D 58 -17.43 -1.99 46.90
CA ILE D 58 -16.78 -3.27 47.17
C ILE D 58 -17.45 -3.97 48.35
N ILE D 59 -17.70 -3.22 49.43
CA ILE D 59 -18.38 -3.79 50.59
C ILE D 59 -19.78 -4.27 50.21
N ASN D 60 -20.50 -3.49 49.39
CA ASN D 60 -21.85 -3.86 48.99
C ASN D 60 -21.85 -5.16 48.20
N ALA D 61 -20.82 -5.38 47.38
CA ALA D 61 -20.68 -6.66 46.69
C ALA D 61 -20.44 -7.79 47.70
N ALA D 62 -19.67 -7.50 48.75
CA ALA D 62 -19.41 -8.51 49.77
C ALA D 62 -20.67 -8.83 50.57
N ILE D 63 -21.50 -7.82 50.85
CA ILE D 63 -22.72 -8.05 51.61
C ILE D 63 -23.72 -8.88 50.81
N ILE D 64 -23.78 -8.67 49.50
CA ILE D 64 -24.69 -9.44 48.66
C ILE D 64 -24.17 -10.86 48.50
N GLU D 65 -22.90 -11.01 48.14
CA GLU D 65 -22.31 -12.32 47.95
C GLU D 65 -21.61 -12.76 49.25
N LYS D 66 -22.44 -13.18 50.20
CA LYS D 66 -21.91 -13.53 51.52
C LYS D 66 -21.07 -14.80 51.47
N GLU D 67 -21.46 -15.78 50.64
CA GLU D 67 -20.66 -16.99 50.55
C GLU D 67 -19.72 -17.02 49.34
N ARG D 68 -19.53 -15.89 48.66
CA ARG D 68 -18.55 -15.81 47.58
C ARG D 68 -17.31 -15.04 48.03
N THR D 69 -16.14 -15.54 47.67
CA THR D 69 -14.89 -14.87 48.02
C THR D 69 -14.72 -13.59 47.21
N ILE D 70 -14.33 -12.51 47.88
CA ILE D 70 -14.15 -11.20 47.24
C ILE D 70 -12.69 -10.79 47.39
N GLY D 71 -11.95 -10.83 46.27
CA GLY D 71 -10.56 -10.39 46.29
C GLY D 71 -10.43 -8.91 45.98
N VAL D 72 -9.51 -8.25 46.69
CA VAL D 72 -9.20 -6.84 46.50
C VAL D 72 -7.69 -6.73 46.31
N LEU D 73 -7.25 -6.63 45.06
CA LEU D 73 -5.83 -6.52 44.75
C LEU D 73 -5.40 -5.06 44.90
N VAL D 74 -4.54 -4.79 45.87
CA VAL D 74 -4.12 -3.43 46.18
C VAL D 74 -2.62 -3.30 45.95
N ASP D 75 -2.17 -2.03 45.89
CA ASP D 75 -0.77 -1.70 45.72
C ASP D 75 -0.58 -0.22 46.01
N GLY D 76 0.56 0.11 46.58
CA GLY D 76 0.88 1.47 46.94
C GLY D 76 1.70 1.53 48.22
N ASN D 77 2.31 2.69 48.45
CA ASN D 77 3.15 2.90 49.63
C ASN D 77 2.27 3.28 50.83
N PHE D 78 1.52 2.29 51.30
CA PHE D 78 0.59 2.52 52.40
C PHE D 78 1.33 2.64 53.72
N SER D 79 0.87 3.57 54.57
CA SER D 79 1.41 3.67 55.91
C SER D 79 1.03 2.43 56.72
N ALA D 80 1.67 2.27 57.88
CA ALA D 80 1.41 1.10 58.70
C ALA D 80 -0.04 1.07 59.19
N GLY D 81 -0.57 2.24 59.58
CA GLY D 81 -1.95 2.29 60.01
C GLY D 81 -2.94 2.03 58.89
N GLN D 82 -2.55 2.34 57.64
CA GLN D 82 -3.42 2.08 56.50
C GLN D 82 -3.49 0.61 56.14
N LYS D 83 -2.41 -0.14 56.37
CA LYS D 83 -2.45 -1.58 56.14
C LYS D 83 -3.20 -2.31 57.23
N LYS D 84 -3.19 -1.78 58.46
CA LYS D 84 -4.02 -2.34 59.51
C LYS D 84 -5.49 -2.07 59.26
N ALA D 85 -5.81 -0.91 58.66
CA ALA D 85 -7.19 -0.65 58.27
C ALA D 85 -7.66 -1.66 57.23
N LEU D 86 -6.77 -2.04 56.30
CA LEU D 86 -7.11 -3.09 55.35
C LEU D 86 -7.27 -4.43 56.03
N ALA D 87 -6.50 -4.67 57.09
CA ALA D 87 -6.67 -5.90 57.86
C ALA D 87 -8.00 -5.87 58.62
N LYS D 88 -8.40 -4.68 59.08
CA LYS D 88 -9.70 -4.53 59.74
C LYS D 88 -10.83 -4.87 58.78
N LEU D 89 -10.69 -4.46 57.51
CA LEU D 89 -11.69 -4.78 56.50
C LEU D 89 -11.83 -6.28 56.28
N GLU D 90 -10.71 -7.01 56.28
CA GLU D 90 -10.77 -8.45 56.10
C GLU D 90 -11.54 -9.14 57.23
N LYS D 91 -11.48 -8.58 58.44
CA LYS D 91 -12.16 -9.20 59.58
C LYS D 91 -13.64 -8.85 59.60
N GLN D 92 -13.99 -7.58 59.35
CA GLN D 92 -15.39 -7.17 59.43
C GLN D 92 -16.23 -7.90 58.39
N TYR D 93 -15.67 -8.11 57.20
CA TYR D 93 -16.35 -8.84 56.12
C TYR D 93 -15.45 -10.02 55.78
N GLU D 94 -15.84 -11.20 56.27
CA GLU D 94 -14.97 -12.37 56.19
C GLU D 94 -14.64 -12.76 54.76
N ASN D 95 -15.60 -12.60 53.84
CA ASN D 95 -15.38 -13.04 52.48
C ASN D 95 -14.45 -12.12 51.69
N ILE D 96 -14.09 -10.96 52.25
CA ILE D 96 -13.16 -10.05 51.60
C ILE D 96 -11.73 -10.50 51.87
N LYS D 97 -10.95 -10.63 50.80
CA LYS D 97 -9.55 -11.05 50.89
C LYS D 97 -8.68 -9.99 50.24
N VAL D 98 -7.91 -9.27 51.05
CA VAL D 98 -7.02 -8.23 50.56
C VAL D 98 -5.70 -8.86 50.15
N ILE D 99 -5.32 -8.67 48.89
CA ILE D 99 -4.10 -9.24 48.33
C ILE D 99 -3.19 -8.10 47.90
N TYR D 100 -1.98 -8.06 48.46
CA TYR D 100 -1.00 -7.07 48.07
C TYR D 100 -0.28 -7.53 46.80
N ASN D 101 -0.28 -6.68 45.78
CA ASN D 101 0.31 -7.05 44.50
C ASN D 101 1.79 -7.41 44.63
N SER D 102 2.50 -6.77 45.56
CA SER D 102 3.92 -7.08 45.74
C SER D 102 4.13 -8.46 46.34
N ASP D 103 3.12 -9.04 46.99
CA ASP D 103 3.23 -10.37 47.58
C ASP D 103 3.06 -11.48 46.56
N LEU D 104 2.89 -11.17 45.28
CA LEU D 104 2.70 -12.17 44.25
C LEU D 104 3.90 -12.21 43.32
N ASP D 105 4.16 -13.39 42.76
CA ASP D 105 5.30 -13.63 41.89
C ASP D 105 4.80 -13.70 40.45
N TYR D 106 5.16 -12.70 39.65
CA TYR D 106 4.77 -12.63 38.25
C TYR D 106 5.91 -12.98 37.31
N SER D 107 7.04 -13.44 37.84
CA SER D 107 8.23 -13.67 37.02
C SER D 107 8.02 -14.74 35.95
N MET D 108 7.07 -15.66 36.15
CA MET D 108 6.84 -16.70 35.17
C MET D 108 6.16 -16.18 33.91
N TYR D 109 5.64 -14.96 33.92
CA TYR D 109 5.04 -14.33 32.75
C TYR D 109 5.95 -13.27 32.14
N ASP D 110 7.15 -13.09 32.66
CA ASP D 110 8.01 -11.98 32.29
C ASP D 110 8.83 -12.30 31.05
N LYS D 111 9.38 -11.25 30.44
CA LYS D 111 10.29 -11.36 29.32
C LYS D 111 11.17 -10.13 29.30
N LYS D 112 12.42 -10.31 28.88
CA LYS D 112 13.37 -9.21 28.83
C LYS D 112 13.08 -8.31 27.63
N LEU D 113 13.16 -7.00 27.87
CA LEU D 113 12.87 -6.04 26.79
C LEU D 113 13.90 -6.13 25.68
N SER D 114 15.18 -6.32 26.05
CA SER D 114 16.22 -6.45 25.04
C SER D 114 15.98 -7.66 24.14
N ASP D 115 15.41 -8.73 24.68
CA ASP D 115 15.04 -9.87 23.85
C ASP D 115 13.92 -9.51 22.89
N ILE D 116 12.91 -8.78 23.38
CA ILE D 116 11.79 -8.38 22.52
C ILE D 116 12.28 -7.45 21.41
N TYR D 117 13.14 -6.48 21.76
CA TYR D 117 13.60 -5.51 20.78
C TYR D 117 14.44 -6.17 19.69
N LEU D 118 15.36 -7.04 20.08
CA LEU D 118 16.22 -7.70 19.09
C LEU D 118 15.41 -8.60 18.17
N GLU D 119 14.44 -9.35 18.72
CA GLU D 119 13.59 -10.19 17.90
C GLU D 119 12.84 -9.36 16.85
N ASN D 120 12.34 -8.19 17.23
CA ASN D 120 11.58 -7.38 16.30
C ASN D 120 12.47 -6.71 15.26
N ILE D 121 13.71 -6.37 15.64
CA ILE D 121 14.64 -5.79 14.68
C ILE D 121 14.92 -6.75 13.54
N ALA D 122 15.14 -8.04 13.87
CA ALA D 122 15.37 -9.03 12.83
C ALA D 122 14.13 -9.19 11.95
N LYS D 123 12.94 -9.19 12.55
CA LYS D 123 11.73 -9.39 11.77
C LYS D 123 11.43 -8.19 10.88
N ILE D 124 11.64 -6.97 11.41
CA ILE D 124 11.38 -5.77 10.64
C ILE D 124 12.40 -5.63 9.51
N GLU D 125 13.65 -6.02 9.76
CA GLU D 125 14.65 -5.96 8.70
C GLU D 125 14.46 -7.09 7.70
N ALA D 126 13.74 -8.14 8.08
CA ALA D 126 13.34 -9.22 7.19
C ALA D 126 12.03 -8.92 6.47
N GLN D 127 11.59 -7.66 6.51
CA GLN D 127 10.35 -7.23 5.88
C GLN D 127 10.64 -6.60 4.53
N PRO D 128 9.75 -6.76 3.57
CA PRO D 128 9.99 -6.16 2.25
C PRO D 128 10.08 -4.66 2.37
N ALA D 129 10.70 -4.04 1.38
CA ALA D 129 10.83 -2.59 1.40
C ALA D 129 9.51 -1.86 1.17
N ASN D 130 8.44 -2.52 0.70
CA ASN D 130 7.23 -1.76 0.38
C ASN D 130 6.55 -1.34 1.66
N VAL D 131 6.49 -2.29 2.57
CA VAL D 131 5.73 -2.25 3.79
C VAL D 131 6.59 -2.10 5.02
N ARG D 132 7.91 -2.01 4.86
CA ARG D 132 8.77 -1.96 6.03
C ARG D 132 8.50 -0.68 6.81
N ASP D 133 8.26 -0.84 8.10
CA ASP D 133 8.06 0.29 9.01
C ASP D 133 9.42 0.83 9.43
N GLU D 134 9.97 1.70 8.58
CA GLU D 134 11.32 2.20 8.82
C GLU D 134 11.38 3.09 10.06
N TYR D 135 10.25 3.72 10.41
CA TYR D 135 10.20 4.50 11.64
C TYR D 135 10.18 3.61 12.87
N LEU D 136 9.44 2.49 12.81
CA LEU D 136 9.39 1.58 13.94
C LEU D 136 10.76 0.98 14.23
N LEU D 137 11.48 0.56 13.19
CA LEU D 137 12.83 0.04 13.36
C LEU D 137 13.71 1.02 14.14
N GLY D 138 13.70 2.29 13.73
CA GLY D 138 14.54 3.28 14.39
C GLY D 138 14.15 3.51 15.84
N GLU D 139 12.84 3.46 16.13
CA GLU D 139 12.39 3.65 17.51
C GLU D 139 12.75 2.46 18.39
N ILE D 140 12.71 1.25 17.83
CA ILE D 140 13.05 0.05 18.59
C ILE D 140 14.54 0.04 18.91
N LYS D 141 15.38 0.41 17.93
CA LYS D 141 16.82 0.40 18.17
C LYS D 141 17.24 1.39 19.26
N LYS D 142 16.59 2.56 19.30
CA LYS D 142 16.94 3.53 20.33
C LYS D 142 16.35 3.15 21.68
N SER D 143 15.20 2.45 21.68
CA SER D 143 14.68 1.90 22.93
C SER D 143 15.61 0.81 23.45
N LEU D 144 16.12 -0.04 22.56
CA LEU D 144 17.10 -1.04 22.95
C LEU D 144 18.38 -0.38 23.46
N ASN D 145 18.84 0.67 22.77
CA ASN D 145 20.04 1.38 23.20
C ASN D 145 19.91 1.95 24.60
N GLU D 146 18.75 2.51 24.93
CA GLU D 146 18.56 3.08 26.26
C GLU D 146 18.52 1.99 27.33
N VAL D 147 17.97 0.83 26.99
CA VAL D 147 17.92 -0.27 27.95
C VAL D 147 19.32 -0.76 28.26
N LEU D 148 20.11 -1.05 27.23
CA LEU D 148 21.46 -1.54 27.44
C LEU D 148 22.32 -0.52 28.17
N LYS D 149 22.01 0.77 28.03
CA LYS D 149 22.82 1.81 28.67
C LYS D 149 22.46 1.98 30.15
N ASN D 150 21.18 1.89 30.48
CA ASN D 150 20.69 2.25 31.81
C ASN D 150 20.20 1.06 32.64
N ASN D 151 19.44 0.14 32.05
CA ASN D 151 18.87 -0.99 32.77
C ASN D 151 18.87 -2.21 31.86
N PRO D 152 20.03 -2.85 31.68
CA PRO D 152 20.14 -3.92 30.68
C PRO D 152 19.25 -5.12 30.96
N GLU D 153 18.78 -5.30 32.19
CA GLU D 153 17.89 -6.40 32.54
C GLU D 153 16.43 -5.96 32.65
N GLU D 154 16.09 -4.80 32.08
CA GLU D 154 14.71 -4.33 32.08
C GLU D 154 13.80 -5.36 31.42
N SER D 155 12.67 -5.63 32.06
CA SER D 155 11.73 -6.63 31.60
C SER D 155 10.33 -6.02 31.50
N LEU D 156 9.40 -6.80 30.95
CA LEU D 156 8.02 -6.36 30.85
C LEU D 156 7.45 -6.00 32.21
N VAL D 157 7.79 -6.77 33.24
CA VAL D 157 7.26 -6.51 34.58
C VAL D 157 7.94 -5.28 35.18
N SER D 158 9.28 -5.24 35.15
CA SER D 158 10.00 -4.13 35.74
C SER D 158 9.71 -2.82 35.01
N SER D 159 9.53 -2.87 33.68
CA SER D 159 9.21 -1.64 32.95
C SER D 159 7.82 -1.14 33.30
N HIS D 160 6.82 -2.02 33.30
CA HIS D 160 5.47 -1.61 33.67
C HIS D 160 5.40 -1.22 35.14
N ASP D 161 6.26 -1.78 35.98
CA ASP D 161 6.30 -1.42 37.39
C ASP D 161 6.68 0.03 37.61
N LYS D 162 7.30 0.67 36.63
CA LYS D 162 7.72 2.06 36.75
C LYS D 162 6.70 3.06 36.20
N ARG D 163 5.70 2.59 35.46
CA ARG D 163 4.78 3.50 34.80
C ARG D 163 3.74 4.03 35.76
N LEU D 164 3.28 5.25 35.49
CA LEU D 164 2.19 5.88 36.21
C LEU D 164 0.94 5.84 35.33
N GLY D 165 -0.16 5.35 35.88
CA GLY D 165 -1.43 5.43 35.20
C GLY D 165 -2.07 4.07 35.01
N HIS D 166 -3.10 4.05 34.16
CA HIS D 166 -3.86 2.83 33.92
C HIS D 166 -3.01 1.74 33.28
N VAL D 167 -1.98 2.12 32.53
CA VAL D 167 -1.12 1.12 31.88
C VAL D 167 -0.52 0.17 32.90
N ARG D 168 -0.30 0.63 34.13
CA ARG D 168 0.21 -0.25 35.16
C ARG D 168 -0.89 -1.08 35.80
N PHE D 169 -2.08 -0.50 35.99
CA PHE D 169 -3.20 -1.27 36.52
C PHE D 169 -3.58 -2.39 35.58
N ASP D 170 -3.76 -2.07 34.29
CA ASP D 170 -4.18 -3.07 33.31
C ASP D 170 -3.16 -4.20 33.16
N PHE D 171 -1.87 -3.88 33.31
CA PHE D 171 -0.84 -4.89 33.12
C PHE D 171 -0.93 -5.97 34.19
N TYR D 172 -0.91 -5.58 35.46
CA TYR D 172 -1.00 -6.55 36.54
C TYR D 172 -2.39 -7.17 36.66
N ARG D 173 -3.41 -6.50 36.14
CA ARG D 173 -4.76 -7.06 36.17
C ARG D 173 -4.84 -8.33 35.32
N ASN D 174 -4.25 -8.30 34.12
CA ASN D 174 -4.29 -9.47 33.25
C ASN D 174 -3.48 -10.63 33.83
N LEU D 175 -2.37 -10.33 34.50
CA LEU D 175 -1.52 -11.38 35.05
C LEU D 175 -2.19 -12.06 36.24
N PHE D 176 -2.87 -11.28 37.08
CA PHE D 176 -3.64 -11.88 38.17
C PHE D 176 -4.71 -12.82 37.64
N LEU D 177 -5.44 -12.40 36.61
CA LEU D 177 -6.47 -13.24 36.02
C LEU D 177 -5.88 -14.49 35.39
N LEU D 178 -4.63 -14.41 34.92
CA LEU D 178 -3.95 -15.61 34.46
C LEU D 178 -3.75 -16.60 35.61
N LYS D 179 -3.39 -16.09 36.79
CA LYS D 179 -3.30 -16.94 37.97
C LYS D 179 -4.69 -17.42 38.39
N GLY D 180 -5.70 -16.55 38.27
CA GLY D 180 -7.05 -16.95 38.62
C GLY D 180 -7.20 -17.18 40.11
N SER D 181 -7.94 -18.22 40.48
CA SER D 181 -8.13 -18.57 41.87
C SER D 181 -6.79 -18.89 42.56
N ASN D 182 -5.81 -19.36 41.79
CA ASN D 182 -4.51 -19.71 42.37
C ASN D 182 -3.87 -18.51 43.08
N ALA D 183 -4.14 -17.30 42.61
CA ALA D 183 -3.56 -16.11 43.22
C ALA D 183 -3.98 -15.96 44.68
N PHE D 184 -5.19 -16.39 45.02
CA PHE D 184 -5.63 -16.36 46.41
C PHE D 184 -4.85 -17.34 47.26
N LEU D 185 -4.56 -18.53 46.72
CA LEU D 185 -3.79 -19.53 47.45
C LEU D 185 -2.32 -19.15 47.51
N GLU D 186 -1.79 -18.53 46.46
CA GLU D 186 -0.41 -18.07 46.48
C GLU D 186 -0.20 -16.97 47.53
N ALA D 187 -1.16 -16.04 47.63
CA ALA D 187 -1.10 -14.97 48.62
C ALA D 187 -1.40 -15.46 50.04
N GLY D 188 -1.73 -16.73 50.22
CA GLY D 188 -1.99 -17.26 51.54
C GLY D 188 -3.26 -16.76 52.20
N LYS D 189 -4.33 -16.58 51.44
CA LYS D 189 -5.61 -16.16 51.98
C LYS D 189 -6.37 -17.39 52.47
N HIS D 190 -6.70 -17.41 53.76
CA HIS D 190 -7.29 -18.58 54.39
C HIS D 190 -8.81 -18.49 54.40
N GLY D 191 -9.44 -19.64 54.63
CA GLY D 191 -10.89 -19.70 54.76
C GLY D 191 -11.66 -19.32 53.52
N CYS D 192 -11.10 -19.61 52.34
CA CYS D 192 -11.83 -19.40 51.09
C CYS D 192 -12.78 -20.56 50.79
N HIS D 193 -12.59 -21.71 51.44
CA HIS D 193 -13.54 -22.82 51.45
C HIS D 193 -13.70 -23.47 50.09
N HIS D 194 -14.48 -22.85 49.20
CA HIS D 194 -14.83 -23.46 47.92
C HIS D 194 -13.91 -23.05 46.78
N LEU D 195 -12.78 -22.42 47.07
CA LEU D 195 -11.83 -22.06 46.03
C LEU D 195 -11.01 -23.27 45.64
N GLN D 196 -11.07 -23.65 44.37
CA GLN D 196 -10.25 -24.78 43.95
C GLN D 196 -9.07 -24.31 43.10
N PRO D 197 -7.91 -24.95 43.23
CA PRO D 197 -6.76 -24.58 42.40
C PRO D 197 -7.05 -24.79 40.92
N GLY D 198 -6.56 -23.85 40.11
CA GLY D 198 -6.87 -23.83 38.69
C GLY D 198 -8.23 -23.25 38.36
N GLY D 199 -8.90 -22.62 39.33
CA GLY D 199 -10.22 -22.07 39.11
C GLY D 199 -10.19 -20.68 38.52
N GLY D 200 -11.36 -20.17 38.18
CA GLY D 200 -11.50 -18.91 37.51
C GLY D 200 -11.55 -17.72 38.45
N CYS D 201 -12.03 -16.61 37.92
CA CYS D 201 -12.09 -15.33 38.62
C CYS D 201 -12.94 -14.37 37.80
N ILE D 202 -13.59 -13.44 38.48
CA ILE D 202 -14.44 -12.44 37.84
C ILE D 202 -13.96 -11.07 38.31
N TYR D 203 -13.23 -10.37 37.44
CA TYR D 203 -12.81 -9.01 37.75
C TYR D 203 -13.92 -8.02 37.43
N LEU D 204 -14.07 -7.02 38.28
CA LEU D 204 -15.01 -5.94 38.07
C LEU D 204 -14.33 -4.60 38.36
N ASP D 205 -14.66 -3.60 37.55
CA ASP D 205 -14.24 -2.24 37.88
C ASP D 205 -14.91 -1.82 39.18
N ALA D 206 -14.20 -1.01 39.97
CA ALA D 206 -14.69 -0.62 41.28
C ALA D 206 -15.97 0.22 41.22
N ASP D 207 -16.32 0.74 40.05
CA ASP D 207 -17.56 1.48 39.88
C ASP D 207 -18.70 0.61 39.37
N MET D 208 -18.49 -0.69 39.26
CA MET D 208 -19.54 -1.63 38.89
C MET D 208 -20.23 -2.08 40.18
N LEU D 209 -21.48 -1.68 40.35
CA LEU D 209 -22.22 -1.92 41.59
C LEU D 209 -23.05 -3.20 41.44
N LEU D 210 -22.95 -4.08 42.44
CA LEU D 210 -23.76 -5.27 42.49
C LEU D 210 -25.08 -4.95 43.19
N THR D 211 -26.19 -5.35 42.57
CA THR D 211 -27.51 -5.15 43.15
C THR D 211 -28.18 -6.45 43.56
N GLY D 212 -27.70 -7.59 43.05
CA GLY D 212 -28.20 -8.88 43.45
C GLY D 212 -27.11 -9.92 43.23
N LYS D 213 -27.41 -11.16 43.57
CA LYS D 213 -26.43 -12.23 43.40
C LYS D 213 -26.28 -12.62 41.93
N LEU D 214 -25.05 -13.00 41.59
CA LEU D 214 -24.74 -13.35 40.20
C LEU D 214 -25.08 -14.79 39.87
N GLY D 215 -25.09 -15.69 40.85
CA GLY D 215 -25.35 -17.09 40.55
C GLY D 215 -24.27 -17.71 39.67
N THR D 216 -24.70 -18.60 38.79
CA THR D 216 -23.79 -19.33 37.90
C THR D 216 -23.83 -18.71 36.50
N LEU D 217 -22.67 -18.31 36.00
CA LEU D 217 -22.54 -17.73 34.68
C LEU D 217 -22.23 -18.81 33.65
N TYR D 218 -22.59 -18.53 32.40
CA TYR D 218 -22.29 -19.41 31.28
C TYR D 218 -21.70 -18.57 30.15
N LEU D 219 -20.40 -18.70 29.93
CA LEU D 219 -19.68 -17.88 28.98
C LEU D 219 -19.04 -18.73 27.89
N PRO D 220 -18.92 -18.20 26.67
CA PRO D 220 -18.30 -18.96 25.58
C PRO D 220 -16.86 -19.33 25.90
N ASP D 221 -16.61 -20.63 26.03
CA ASP D 221 -15.32 -21.16 26.46
C ASP D 221 -14.90 -20.57 27.80
N GLY D 222 -15.87 -20.16 28.61
CA GLY D 222 -15.61 -19.68 29.95
C GLY D 222 -14.94 -18.33 30.02
N ILE D 223 -15.21 -17.44 29.05
CA ILE D 223 -14.66 -16.10 29.09
C ILE D 223 -15.67 -15.13 28.50
N ALA D 224 -15.76 -13.96 29.12
CA ALA D 224 -16.58 -12.86 28.62
C ALA D 224 -16.04 -11.56 29.23
N VAL D 225 -16.21 -10.47 28.50
CA VAL D 225 -15.71 -9.16 28.95
C VAL D 225 -16.78 -8.11 28.77
N HIS D 226 -16.56 -6.98 29.43
CA HIS D 226 -17.48 -5.84 29.32
C HIS D 226 -17.44 -5.25 27.92
N VAL D 227 -18.62 -4.89 27.41
CA VAL D 227 -18.77 -4.18 26.16
C VAL D 227 -19.40 -2.83 26.48
N SER D 228 -18.64 -1.76 26.27
CA SER D 228 -19.09 -0.41 26.59
C SER D 228 -19.80 0.20 25.39
N ARG D 229 -20.91 0.88 25.65
CA ARG D 229 -21.67 1.57 24.61
C ARG D 229 -21.74 3.05 24.96
N LYS D 230 -21.12 3.88 24.11
CA LYS D 230 -21.11 5.32 24.28
C LYS D 230 -21.58 5.95 22.97
N GLY D 231 -22.53 6.87 23.07
CA GLY D 231 -23.17 7.37 21.87
C GLY D 231 -23.77 6.22 21.09
N ASN D 232 -23.30 6.03 19.86
CA ASN D 232 -23.74 4.91 19.02
C ASN D 232 -22.63 3.90 18.79
N SER D 233 -21.55 3.95 19.55
CA SER D 233 -20.40 3.08 19.37
C SER D 233 -20.36 2.02 20.46
N MET D 234 -19.68 0.92 20.14
CA MET D 234 -19.43 -0.16 21.09
C MET D 234 -17.96 -0.54 21.01
N SER D 235 -17.45 -1.11 22.10
CA SER D 235 -16.03 -1.40 22.19
C SER D 235 -15.79 -2.45 23.26
N LEU D 236 -14.86 -3.36 22.99
CA LEU D 236 -14.38 -4.27 24.01
C LEU D 236 -13.69 -3.47 25.12
N GLU D 237 -13.93 -3.87 26.36
CA GLU D 237 -13.34 -3.18 27.50
C GLU D 237 -12.86 -4.21 28.52
N ASN D 238 -11.95 -3.76 29.39
CA ASN D 238 -11.42 -4.59 30.46
C ASN D 238 -12.00 -4.21 31.82
N GLY D 239 -13.11 -3.46 31.83
CA GLY D 239 -13.78 -3.15 33.08
C GLY D 239 -14.44 -4.35 33.71
N ILE D 240 -14.74 -5.38 32.92
CA ILE D 240 -15.16 -6.68 33.42
C ILE D 240 -14.39 -7.73 32.63
N ILE D 241 -13.73 -8.65 33.34
CA ILE D 241 -13.09 -9.81 32.74
C ILE D 241 -13.44 -11.02 33.60
N ALA D 242 -14.12 -11.99 32.99
CA ALA D 242 -14.55 -13.20 33.68
C ALA D 242 -13.93 -14.41 32.99
N VAL D 243 -13.29 -15.27 33.79
CA VAL D 243 -12.67 -16.49 33.29
C VAL D 243 -13.09 -17.64 34.19
N ASN D 244 -13.29 -18.83 33.59
CA ASN D 244 -13.69 -20.01 34.32
C ASN D 244 -12.50 -20.84 34.80
N ARG D 245 -11.29 -20.53 34.35
CA ARG D 245 -10.11 -21.31 34.72
C ARG D 245 -8.88 -20.41 34.65
N SER D 246 -7.83 -20.84 35.34
CA SER D 246 -6.56 -20.13 35.28
C SER D 246 -5.89 -20.36 33.93
N GLU D 247 -5.01 -19.42 33.57
CA GLU D 247 -4.26 -19.48 32.32
C GLU D 247 -5.18 -19.68 31.12
N HIS D 248 -6.25 -18.89 31.06
CA HIS D 248 -7.19 -18.98 29.96
C HIS D 248 -6.46 -18.69 28.65
N PRO D 249 -6.63 -19.51 27.62
CA PRO D 249 -5.86 -19.32 26.38
C PRO D 249 -6.09 -17.98 25.71
N ALA D 250 -7.23 -17.33 25.95
CA ALA D 250 -7.43 -15.99 25.39
C ALA D 250 -6.50 -14.98 26.05
N LEU D 251 -6.36 -15.03 27.38
CA LEU D 251 -5.43 -14.15 28.05
C LEU D 251 -3.98 -14.58 27.81
N LYS D 252 -3.74 -15.87 27.64
CA LYS D 252 -2.39 -16.34 27.33
C LYS D 252 -1.93 -15.83 25.97
N LYS D 253 -2.81 -15.86 24.97
CA LYS D 253 -2.47 -15.31 23.66
C LYS D 253 -2.23 -13.80 23.74
N GLY D 254 -3.01 -13.11 24.57
CA GLY D 254 -2.77 -11.69 24.78
C GLY D 254 -1.40 -11.42 25.37
N LEU D 255 -0.97 -12.24 26.32
CA LEU D 255 0.38 -12.10 26.86
C LEU D 255 1.43 -12.47 25.83
N GLU D 256 1.14 -13.45 24.98
CA GLU D 256 2.08 -13.81 23.91
C GLU D 256 2.24 -12.66 22.91
N ILE D 257 1.15 -11.93 22.64
CA ILE D 257 1.25 -10.77 21.76
C ILE D 257 2.14 -9.71 22.38
N MET D 258 2.06 -9.54 23.70
CA MET D 258 2.93 -8.58 24.38
C MET D 258 4.37 -9.08 24.48
N HIS D 259 4.58 -10.40 24.36
CA HIS D 259 5.93 -10.94 24.30
C HIS D 259 6.55 -10.80 22.93
N SER D 260 5.74 -10.56 21.89
CA SER D 260 6.24 -10.43 20.53
C SER D 260 6.16 -9.01 19.99
N LYS D 261 5.35 -8.14 20.60
CA LYS D 261 5.24 -6.76 20.15
C LYS D 261 6.21 -5.87 20.90
N PRO D 262 6.87 -4.95 20.21
CA PRO D 262 7.85 -4.08 20.90
C PRO D 262 7.22 -3.17 21.93
N TYR D 263 6.01 -2.69 21.70
CA TYR D 263 5.32 -1.76 22.59
C TYR D 263 3.89 -2.22 22.83
N GLY D 264 3.74 -3.47 23.25
CA GLY D 264 2.40 -4.01 23.46
C GLY D 264 1.68 -3.33 24.60
N ASP D 265 0.39 -3.12 24.42
CA ASP D 265 -0.46 -2.49 25.42
C ASP D 265 -1.25 -3.55 26.18
N PRO D 266 -1.29 -3.49 27.51
CA PRO D 266 -2.03 -4.50 28.27
C PRO D 266 -3.51 -4.54 27.92
N TYR D 267 -4.10 -3.40 27.58
CA TYR D 267 -5.52 -3.36 27.24
C TYR D 267 -5.75 -3.71 25.77
N ILE D 268 -5.07 -3.01 24.86
CA ILE D 268 -5.33 -3.21 23.43
C ILE D 268 -4.88 -4.59 22.98
N ASP D 269 -3.73 -5.06 23.47
CA ASP D 269 -3.18 -6.34 23.05
C ASP D 269 -3.44 -7.45 24.05
N GLY D 270 -3.22 -7.19 25.34
CA GLY D 270 -3.39 -8.23 26.34
C GLY D 270 -4.82 -8.70 26.49
N VAL D 271 -5.79 -7.83 26.19
CA VAL D 271 -7.21 -8.18 26.34
C VAL D 271 -7.88 -8.27 24.97
N CYS D 272 -7.97 -7.14 24.28
CA CYS D 272 -8.66 -7.11 22.99
C CYS D 272 -7.95 -7.95 21.95
N GLY D 273 -6.62 -7.84 21.88
CA GLY D 273 -5.87 -8.63 20.92
C GLY D 273 -5.93 -10.11 21.21
N GLY D 274 -5.84 -10.49 22.49
CA GLY D 274 -5.92 -11.90 22.85
C GLY D 274 -7.27 -12.51 22.52
N LEU D 275 -8.35 -11.78 22.79
CA LEU D 275 -9.68 -12.29 22.51
C LEU D 275 -9.91 -12.46 21.01
N ARG D 276 -9.53 -11.44 20.23
CA ARG D 276 -9.78 -11.49 18.79
C ARG D 276 -8.90 -12.53 18.10
N HIS D 277 -7.67 -12.74 18.59
CA HIS D 277 -6.83 -13.78 18.02
C HIS D 277 -7.35 -15.16 18.38
N TYR D 278 -7.73 -15.36 19.64
CA TYR D 278 -8.22 -16.67 20.08
C TYR D 278 -9.50 -17.05 19.35
N PHE D 279 -10.47 -16.14 19.29
CA PHE D 279 -11.76 -16.42 18.66
C PHE D 279 -11.78 -16.09 17.18
N ASN D 280 -10.65 -15.69 16.61
CA ASN D 280 -10.52 -15.40 15.18
C ASN D 280 -11.50 -14.32 14.73
N CYS D 281 -11.44 -13.18 15.42
CA CYS D 281 -12.16 -11.98 14.99
C CYS D 281 -11.16 -11.13 14.21
N SER D 282 -10.99 -11.51 12.95
CA SER D 282 -9.99 -10.89 12.08
C SER D 282 -10.50 -9.58 11.52
N ILE D 283 -9.79 -9.04 10.54
CA ILE D 283 -10.26 -7.82 9.89
C ILE D 283 -11.50 -8.10 9.07
N ARG D 284 -11.66 -9.33 8.60
CA ARG D 284 -12.78 -9.67 7.75
C ARG D 284 -14.06 -9.87 8.53
N HIS D 285 -13.95 -10.11 9.82
CA HIS D 285 -15.10 -10.53 10.61
C HIS D 285 -15.79 -9.30 11.16
N ASN D 286 -17.02 -9.51 11.62
CA ASN D 286 -17.87 -8.41 12.07
C ASN D 286 -17.55 -8.12 13.53
N TYR D 287 -16.95 -6.95 13.78
CA TYR D 287 -16.62 -6.55 15.13
C TYR D 287 -17.87 -6.41 16.00
N GLU D 288 -18.97 -5.94 15.40
CA GLU D 288 -20.21 -5.81 16.17
C GLU D 288 -20.76 -7.17 16.56
N GLU D 289 -20.67 -8.16 15.66
CA GLU D 289 -21.10 -9.50 15.99
C GLU D 289 -20.24 -10.11 17.10
N PHE D 290 -18.94 -9.86 17.06
CA PHE D 290 -18.05 -10.40 18.08
C PHE D 290 -18.35 -9.78 19.45
N CYS D 291 -18.71 -8.49 19.48
CA CYS D 291 -19.03 -7.84 20.74
C CYS D 291 -20.25 -8.49 21.39
N ASN D 292 -21.29 -8.75 20.60
CA ASN D 292 -22.48 -9.42 21.13
C ASN D 292 -22.18 -10.84 21.60
N PHE D 293 -21.21 -11.51 20.96
CA PHE D 293 -20.91 -12.89 21.29
C PHE D 293 -20.10 -13.01 22.58
N ILE D 294 -19.21 -12.05 22.84
CA ILE D 294 -18.30 -12.11 23.98
C ILE D 294 -18.75 -11.23 25.14
N GLU D 295 -19.83 -10.48 25.00
CA GLU D 295 -20.22 -9.50 26.00
C GLU D 295 -20.60 -10.19 27.32
N PHE D 296 -20.12 -9.60 28.43
CA PHE D 296 -20.54 -10.00 29.77
C PHE D 296 -21.87 -9.32 30.09
N LYS D 297 -22.93 -10.11 30.21
CA LYS D 297 -24.26 -9.59 30.48
C LYS D 297 -24.76 -10.10 31.83
N HIS D 298 -25.23 -9.18 32.67
CA HIS D 298 -25.89 -9.56 33.91
C HIS D 298 -26.75 -8.39 34.37
N GLU D 299 -28.04 -8.66 34.62
CA GLU D 299 -28.96 -7.60 35.04
C GLU D 299 -28.63 -7.08 36.43
N HIS D 300 -27.99 -7.88 37.27
CA HIS D 300 -27.75 -7.52 38.66
C HIS D 300 -26.46 -6.72 38.85
N ILE D 301 -25.90 -6.19 37.77
CA ILE D 301 -24.73 -5.31 37.82
C ILE D 301 -25.09 -4.00 37.16
N PHE D 302 -25.00 -2.90 37.91
CA PHE D 302 -25.17 -1.57 37.35
C PHE D 302 -23.81 -1.11 36.86
N MET D 303 -23.57 -1.24 35.56
CA MET D 303 -22.24 -1.08 35.00
C MET D 303 -21.85 0.38 34.89
N ASP D 304 -20.55 0.64 34.99
CA ASP D 304 -19.93 1.95 34.78
C ASP D 304 -20.70 3.09 35.43
N THR D 305 -20.75 3.11 36.76
CA THR D 305 -21.44 4.18 37.46
C THR D 305 -20.54 5.41 37.66
N SER D 306 -19.29 5.35 37.19
CA SER D 306 -18.44 6.52 37.18
C SER D 306 -18.72 7.39 35.96
N SER D 307 -19.55 6.91 35.04
CA SER D 307 -20.13 7.75 33.99
C SER D 307 -21.45 8.34 34.45
N LEU D 308 -21.55 8.63 35.74
CA LEU D 308 -22.75 9.15 36.41
C LEU D 308 -24.06 8.60 35.85
#